data_3H81
#
_entry.id   3H81
#
_cell.length_a   133.853
_cell.length_b   130.947
_cell.length_c   102.218
_cell.angle_alpha   90.000
_cell.angle_beta   90.000
_cell.angle_gamma   90.000
#
_symmetry.space_group_name_H-M   'C 2 2 21'
#
loop_
_entity.id
_entity.type
_entity.pdbx_description
1 polymer 'enoyl-CoA hydratase echA8'
2 non-polymer GLYCEROL
3 non-polymer 'CALCIUM ION'
4 water water
#
_entity_poly.entity_id   1
_entity_poly.type   'polypeptide(L)'
_entity_poly.pdbx_seq_one_letter_code
;MAHHHHHHMGTLEAQTQGPGSMTYETILVERDQRVGIITLNRPQALNALNSQVMNEVTSAATELDDDPDIGAIIITGSAK
AFAAGADIKEMADLTFADAFTADFFATWGKLAAVRTPTIAAVAGYALGGGCELAMMCDVLIAADTAKFGQPEIKLGVLPG
MGGSQRLTRAIGKAKAMDLILTGRTMDAAEAERSGLVSRVVPADDLLTEARATATTISQMSASAARMAKEAVNRAFESSL
SEGLLYERRLFHSAFATEDQSEGMAAFIEKRAPQFTHR
;
_entity_poly.pdbx_strand_id   A,B,C
#
loop_
_chem_comp.id
_chem_comp.type
_chem_comp.name
_chem_comp.formula
CA non-polymer 'CALCIUM ION' 'Ca 2'
GOL non-polymer GLYCEROL 'C3 H8 O3'
#
# COMPACT_ATOMS: atom_id res chain seq x y z
N THR A 23 -19.18 30.25 -18.59
CA THR A 23 -20.57 29.75 -18.36
C THR A 23 -20.60 28.23 -18.30
N TYR A 24 -20.78 27.68 -17.10
CA TYR A 24 -20.96 26.24 -16.91
C TYR A 24 -22.39 25.93 -16.50
N GLU A 25 -22.90 24.79 -16.94
CA GLU A 25 -24.25 24.34 -16.58
C GLU A 25 -24.31 23.43 -15.36
N THR A 26 -23.23 22.71 -15.05
CA THR A 26 -23.27 21.68 -14.00
C THR A 26 -22.34 21.94 -12.81
N ILE A 27 -21.48 22.95 -12.91
CA ILE A 27 -20.54 23.27 -11.83
C ILE A 27 -20.48 24.77 -11.56
N LEU A 28 -19.96 25.13 -10.40
CA LEU A 28 -19.61 26.51 -10.07
C LEU A 28 -18.11 26.58 -9.86
N VAL A 29 -17.50 27.69 -10.30
CA VAL A 29 -16.06 27.90 -10.16
C VAL A 29 -15.78 29.23 -9.45
N GLU A 30 -15.02 29.14 -8.35
N GLU A 30 -14.99 29.16 -8.38
CA GLU A 30 -14.66 30.30 -7.52
CA GLU A 30 -14.66 30.33 -7.59
C GLU A 30 -13.14 30.42 -7.46
C GLU A 30 -13.15 30.42 -7.40
N ARG A 31 -12.64 31.64 -7.32
CA ARG A 31 -11.23 31.91 -7.09
C ARG A 31 -11.09 32.79 -5.86
N ASP A 32 -10.25 32.36 -4.90
CA ASP A 32 -9.95 33.13 -3.70
C ASP A 32 -8.43 33.14 -3.53
N GLN A 33 -7.81 34.28 -3.81
CA GLN A 33 -6.35 34.42 -3.84
C GLN A 33 -5.75 33.33 -4.75
N ARG A 34 -4.95 32.40 -4.20
CA ARG A 34 -4.31 31.39 -5.06
C ARG A 34 -5.06 30.05 -5.06
N VAL A 35 -6.31 30.06 -4.60
CA VAL A 35 -7.12 28.84 -4.55
C VAL A 35 -8.30 28.93 -5.51
N GLY A 36 -8.43 27.88 -6.35
CA GLY A 36 -9.59 27.71 -7.20
C GLY A 36 -10.46 26.62 -6.62
N ILE A 37 -11.79 26.81 -6.71
CA ILE A 37 -12.72 25.85 -6.15
C ILE A 37 -13.76 25.51 -7.21
N ILE A 38 -13.84 24.22 -7.53
CA ILE A 38 -14.84 23.69 -8.47
C ILE A 38 -15.88 22.97 -7.64
N THR A 39 -17.12 23.46 -7.67
CA THR A 39 -18.19 22.86 -6.89
C THR A 39 -19.17 22.17 -7.83
N LEU A 40 -19.36 20.87 -7.66
CA LEU A 40 -20.36 20.16 -8.48
C LEU A 40 -21.74 20.71 -8.08
N ASN A 41 -22.56 20.97 -9.09
CA ASN A 41 -23.82 21.68 -8.88
C ASN A 41 -24.99 21.04 -9.63
N ARG A 42 -25.26 19.77 -9.29
CA ARG A 42 -26.45 19.05 -9.79
C ARG A 42 -27.21 18.48 -8.60
N PRO A 43 -27.70 19.36 -7.71
CA PRO A 43 -28.41 18.88 -6.51
C PRO A 43 -29.61 17.98 -6.81
N GLN A 44 -30.25 18.19 -7.97
CA GLN A 44 -31.38 17.36 -8.39
C GLN A 44 -31.00 15.89 -8.62
N ALA A 45 -29.73 15.62 -8.88
CA ALA A 45 -29.23 14.27 -9.10
C ALA A 45 -28.16 13.85 -8.09
N LEU A 46 -28.16 14.47 -6.90
CA LEU A 46 -27.14 14.23 -5.87
C LEU A 46 -25.72 14.29 -6.47
N ASN A 47 -25.51 15.28 -7.32
CA ASN A 47 -24.24 15.51 -8.01
C ASN A 47 -23.71 14.32 -8.81
N ALA A 48 -24.63 13.53 -9.36
CA ALA A 48 -24.27 12.44 -10.25
C ALA A 48 -23.45 12.99 -11.41
N LEU A 49 -22.41 12.25 -11.79
CA LEU A 49 -21.56 12.63 -12.90
C LEU A 49 -22.23 12.22 -14.20
N ASN A 50 -21.93 12.96 -15.27
CA ASN A 50 -22.29 12.57 -16.64
C ASN A 50 -21.23 13.16 -17.58
N SER A 51 -21.41 12.99 -18.89
N SER A 51 -21.43 12.99 -18.88
CA SER A 51 -20.44 13.50 -19.86
CA SER A 51 -20.48 13.50 -19.88
C SER A 51 -20.28 15.02 -19.80
C SER A 51 -20.29 15.01 -19.78
N GLN A 52 -21.38 15.73 -19.55
CA GLN A 52 -21.33 17.19 -19.39
C GLN A 52 -20.50 17.59 -18.15
N VAL A 53 -20.70 16.92 -17.01
CA VAL A 53 -19.92 17.23 -15.80
C VAL A 53 -18.42 16.93 -16.06
N MET A 54 -18.15 15.81 -16.72
CA MET A 54 -16.79 15.43 -17.10
C MET A 54 -16.11 16.52 -17.93
N ASN A 55 -16.80 17.00 -18.96
CA ASN A 55 -16.23 18.01 -19.84
C ASN A 55 -16.02 19.35 -19.13
N GLU A 56 -16.95 19.71 -18.25
CA GLU A 56 -16.90 20.99 -17.58
C GLU A 56 -15.86 20.99 -16.45
N VAL A 57 -15.86 19.94 -15.61
CA VAL A 57 -14.85 19.82 -14.56
C VAL A 57 -13.43 19.81 -15.14
N THR A 58 -13.20 19.01 -16.18
CA THR A 58 -11.86 18.95 -16.76
C THR A 58 -11.46 20.26 -17.44
N SER A 59 -12.42 20.92 -18.08
N SER A 59 -12.42 20.92 -18.08
CA SER A 59 -12.17 22.21 -18.72
CA SER A 59 -12.18 22.21 -18.71
C SER A 59 -11.81 23.27 -17.67
C SER A 59 -11.81 23.27 -17.68
N ALA A 60 -12.59 23.32 -16.60
CA ALA A 60 -12.35 24.27 -15.50
C ALA A 60 -10.99 24.01 -14.83
N ALA A 61 -10.71 22.75 -14.52
CA ALA A 61 -9.45 22.38 -13.87
C ALA A 61 -8.23 22.71 -14.74
N THR A 62 -8.32 22.44 -16.04
CA THR A 62 -7.25 22.77 -16.99
C THR A 62 -7.03 24.27 -17.07
N GLU A 63 -8.11 25.05 -17.13
CA GLU A 63 -7.99 26.51 -17.14
C GLU A 63 -7.33 27.03 -15.85
N LEU A 64 -7.75 26.49 -14.71
CA LEU A 64 -7.12 26.85 -13.43
C LEU A 64 -5.64 26.43 -13.41
N ASP A 65 -5.34 25.25 -13.94
CA ASP A 65 -3.97 24.73 -13.98
C ASP A 65 -3.03 25.64 -14.76
N ASP A 66 -3.54 26.27 -15.83
CA ASP A 66 -2.72 27.14 -16.65
C ASP A 66 -2.68 28.59 -16.16
N ASP A 67 -3.42 28.89 -15.08
CA ASP A 67 -3.44 30.22 -14.48
C ASP A 67 -2.29 30.35 -13.46
N PRO A 68 -1.30 31.22 -13.73
CA PRO A 68 -0.16 31.34 -12.80
C PRO A 68 -0.54 31.91 -11.43
N ASP A 69 -1.73 32.50 -11.30
CA ASP A 69 -2.20 33.02 -10.02
C ASP A 69 -2.99 32.00 -9.20
N ILE A 70 -2.99 30.74 -9.62
CA ILE A 70 -3.63 29.67 -8.85
C ILE A 70 -2.59 28.62 -8.47
N GLY A 71 -2.56 28.26 -7.19
CA GLY A 71 -1.60 27.28 -6.66
C GLY A 71 -2.22 26.04 -6.05
N ALA A 72 -3.56 25.98 -6.00
CA ALA A 72 -4.25 24.80 -5.49
C ALA A 72 -5.71 24.81 -5.96
N ILE A 73 -6.24 23.61 -6.18
CA ILE A 73 -7.58 23.44 -6.74
C ILE A 73 -8.38 22.50 -5.86
N ILE A 74 -9.54 22.96 -5.39
CA ILE A 74 -10.44 22.14 -4.60
C ILE A 74 -11.57 21.70 -5.52
N ILE A 75 -11.91 20.42 -5.44
CA ILE A 75 -13.13 19.90 -6.03
C ILE A 75 -14.05 19.45 -4.91
N THR A 76 -15.30 19.88 -4.96
CA THR A 76 -16.24 19.54 -3.90
C THR A 76 -17.67 19.48 -4.42
N GLY A 77 -18.55 18.84 -3.64
CA GLY A 77 -19.97 18.78 -3.94
C GLY A 77 -20.78 19.47 -2.85
N SER A 78 -21.89 18.84 -2.46
CA SER A 78 -22.74 19.36 -1.38
C SER A 78 -22.51 18.62 -0.07
N ALA A 79 -23.14 19.10 0.99
CA ALA A 79 -23.12 18.44 2.28
C ALA A 79 -23.75 17.05 2.24
N LYS A 80 -24.70 16.83 1.33
CA LYS A 80 -25.36 15.54 1.20
C LYS A 80 -24.59 14.58 0.29
N ALA A 81 -23.93 15.12 -0.74
CA ALA A 81 -23.21 14.29 -1.70
C ALA A 81 -22.08 15.03 -2.41
N PHE A 82 -20.86 14.48 -2.31
CA PHE A 82 -19.77 14.85 -3.20
C PHE A 82 -20.20 14.52 -4.64
N ALA A 83 -20.53 13.26 -4.87
CA ALA A 83 -21.15 12.80 -6.12
C ALA A 83 -21.65 11.38 -5.92
N ALA A 84 -22.95 11.16 -6.12
CA ALA A 84 -23.58 9.89 -5.74
C ALA A 84 -23.41 8.76 -6.76
N GLY A 85 -22.80 9.05 -7.90
CA GLY A 85 -22.62 8.05 -8.95
C GLY A 85 -22.57 8.70 -10.32
N ALA A 86 -23.01 7.95 -11.32
CA ALA A 86 -23.04 8.42 -12.70
C ALA A 86 -24.44 8.20 -13.27
N ASP A 87 -24.82 9.01 -14.27
CA ASP A 87 -26.13 8.86 -14.90
C ASP A 87 -26.17 7.54 -15.67
N ILE A 88 -27.21 6.75 -15.40
CA ILE A 88 -27.41 5.46 -16.05
C ILE A 88 -27.76 5.62 -17.53
N LYS A 89 -28.65 6.58 -17.82
CA LYS A 89 -29.13 6.85 -19.18
C LYS A 89 -28.05 6.77 -20.27
N GLU A 90 -26.92 7.44 -20.04
CA GLU A 90 -25.86 7.53 -21.05
C GLU A 90 -25.22 6.19 -21.41
N MET A 91 -25.20 5.27 -20.45
CA MET A 91 -24.45 4.02 -20.58
C MET A 91 -25.24 2.95 -21.34
N ALA A 92 -26.52 2.81 -21.02
CA ALA A 92 -27.41 1.90 -21.74
C ALA A 92 -27.56 2.25 -23.22
N ASP A 93 -27.25 3.51 -23.58
CA ASP A 93 -27.48 4.02 -24.93
C ASP A 93 -26.57 3.48 -26.04
N LEU A 94 -25.34 3.08 -25.71
CA LEU A 94 -24.33 2.73 -26.73
C LEU A 94 -23.91 1.25 -26.77
N THR A 95 -23.29 0.85 -27.89
CA THR A 95 -22.69 -0.48 -28.06
C THR A 95 -21.19 -0.43 -27.72
N PHE A 96 -20.45 -1.50 -28.04
CA PHE A 96 -19.03 -1.55 -27.76
C PHE A 96 -18.20 -0.73 -28.75
N ALA A 97 -18.46 -0.91 -30.05
CA ALA A 97 -17.73 -0.16 -31.09
C ALA A 97 -17.93 1.34 -30.90
N ASP A 98 -19.10 1.71 -30.39
CA ASP A 98 -19.43 3.10 -30.07
C ASP A 98 -18.66 3.59 -28.85
N ALA A 99 -18.63 2.76 -27.80
CA ALA A 99 -17.87 3.07 -26.58
C ALA A 99 -16.38 3.19 -26.90
N PHE A 100 -15.87 2.25 -27.67
CA PHE A 100 -14.46 2.25 -28.09
C PHE A 100 -14.13 3.48 -28.94
N THR A 101 -15.00 3.82 -29.88
CA THR A 101 -14.77 4.97 -30.75
C THR A 101 -14.84 6.28 -29.97
N ALA A 102 -15.81 6.40 -29.07
CA ALA A 102 -15.91 7.56 -28.18
C ALA A 102 -14.84 7.55 -27.08
N ASP A 103 -14.28 6.37 -26.78
CA ASP A 103 -13.36 6.19 -25.65
C ASP A 103 -14.03 6.73 -24.40
N PHE A 104 -15.23 6.24 -24.14
CA PHE A 104 -16.11 6.72 -23.08
C PHE A 104 -15.36 6.81 -21.74
N PHE A 105 -15.41 8.00 -21.12
CA PHE A 105 -14.75 8.30 -19.83
C PHE A 105 -13.26 8.65 -19.90
N ALA A 106 -12.63 8.50 -21.07
CA ALA A 106 -11.20 8.80 -21.20
C ALA A 106 -10.86 10.25 -20.81
N THR A 107 -11.79 11.18 -21.07
CA THR A 107 -11.55 12.60 -20.82
C THR A 107 -11.26 12.93 -19.35
N TRP A 108 -11.71 12.09 -18.42
CA TRP A 108 -11.37 12.26 -17.02
C TRP A 108 -9.87 12.26 -16.77
N GLY A 109 -9.11 11.65 -17.68
CA GLY A 109 -7.64 11.68 -17.65
C GLY A 109 -7.02 13.06 -17.65
N LYS A 110 -7.73 14.05 -18.21
CA LYS A 110 -7.26 15.43 -18.15
C LYS A 110 -7.10 15.94 -16.70
N LEU A 111 -7.91 15.41 -15.79
CA LEU A 111 -7.83 15.84 -14.38
C LEU A 111 -6.55 15.31 -13.74
N ALA A 112 -6.20 14.06 -14.05
CA ALA A 112 -4.95 13.47 -13.57
C ALA A 112 -3.75 14.21 -14.12
N ALA A 113 -3.89 14.79 -15.31
CA ALA A 113 -2.82 15.54 -15.95
C ALA A 113 -2.63 16.97 -15.42
N VAL A 114 -3.51 17.42 -14.52
CA VAL A 114 -3.36 18.73 -13.90
C VAL A 114 -2.09 18.75 -13.03
N ARG A 115 -1.23 19.73 -13.25
CA ARG A 115 0.08 19.80 -12.56
C ARG A 115 -0.02 20.43 -11.18
N THR A 116 -0.91 21.42 -11.03
CA THR A 116 -1.21 22.04 -9.76
C THR A 116 -1.86 21.06 -8.80
N PRO A 117 -1.52 21.13 -7.50
CA PRO A 117 -2.16 20.26 -6.51
C PRO A 117 -3.68 20.35 -6.48
N THR A 118 -4.34 19.20 -6.37
CA THR A 118 -5.80 19.12 -6.29
C THR A 118 -6.21 18.49 -4.97
N ILE A 119 -7.30 19.00 -4.40
CA ILE A 119 -7.84 18.53 -3.13
C ILE A 119 -9.32 18.19 -3.33
N ALA A 120 -9.70 16.94 -3.05
CA ALA A 120 -11.12 16.57 -2.98
C ALA A 120 -11.60 16.83 -1.55
N ALA A 121 -12.64 17.64 -1.42
CA ALA A 121 -13.29 17.87 -0.13
C ALA A 121 -14.62 17.12 -0.19
N VAL A 122 -14.65 15.96 0.46
CA VAL A 122 -15.75 15.02 0.32
C VAL A 122 -16.68 14.99 1.52
N ALA A 123 -17.93 15.37 1.29
CA ALA A 123 -18.99 15.27 2.28
C ALA A 123 -20.03 14.29 1.76
N GLY A 124 -20.64 13.54 2.66
CA GLY A 124 -21.75 12.66 2.29
C GLY A 124 -21.35 11.60 1.27
N TYR A 125 -22.24 11.32 0.31
CA TYR A 125 -22.00 10.25 -0.66
C TYR A 125 -20.90 10.57 -1.68
N ALA A 126 -19.91 9.68 -1.76
CA ALA A 126 -18.97 9.62 -2.87
C ALA A 126 -19.01 8.15 -3.32
N LEU A 127 -19.92 7.85 -4.24
CA LEU A 127 -20.20 6.48 -4.65
C LEU A 127 -19.94 6.30 -6.14
N GLY A 128 -19.42 5.13 -6.52
CA GLY A 128 -19.12 4.84 -7.93
C GLY A 128 -18.17 5.85 -8.54
N GLY A 129 -18.59 6.48 -9.63
CA GLY A 129 -17.82 7.56 -10.26
C GLY A 129 -17.42 8.67 -9.31
N GLY A 130 -18.27 8.93 -8.32
CA GLY A 130 -17.96 9.92 -7.28
C GLY A 130 -16.78 9.53 -6.40
N CYS A 131 -16.69 8.25 -6.04
CA CYS A 131 -15.56 7.74 -5.30
C CYS A 131 -14.31 7.85 -6.17
N GLU A 132 -14.47 7.53 -7.44
CA GLU A 132 -13.38 7.54 -8.40
C GLU A 132 -12.84 8.94 -8.64
N LEU A 133 -13.74 9.92 -8.70
CA LEU A 133 -13.34 11.32 -8.84
C LEU A 133 -12.52 11.80 -7.65
N ALA A 134 -12.96 11.47 -6.44
CA ALA A 134 -12.24 11.85 -5.23
C ALA A 134 -10.84 11.24 -5.23
N MET A 135 -10.75 9.98 -5.67
CA MET A 135 -9.47 9.29 -5.73
C MET A 135 -8.50 9.86 -6.77
N MET A 136 -9.01 10.54 -7.80
CA MET A 136 -8.17 11.20 -8.80
C MET A 136 -7.43 12.42 -8.24
N CYS A 137 -7.94 13.01 -7.16
CA CYS A 137 -7.32 14.18 -6.57
C CYS A 137 -6.12 13.75 -5.73
N ASP A 138 -5.24 14.71 -5.44
CA ASP A 138 -4.00 14.42 -4.72
C ASP A 138 -4.25 14.24 -3.24
N VAL A 139 -4.94 15.22 -2.66
CA VAL A 139 -5.31 15.22 -1.25
C VAL A 139 -6.81 14.98 -1.15
N LEU A 140 -7.24 14.25 -0.14
CA LEU A 140 -8.65 13.94 0.07
C LEU A 140 -8.99 14.23 1.53
N ILE A 141 -9.75 15.29 1.76
CA ILE A 141 -10.22 15.63 3.09
C ILE A 141 -11.69 15.24 3.13
N ALA A 142 -12.05 14.41 4.10
CA ALA A 142 -13.39 13.85 4.23
C ALA A 142 -14.11 14.40 5.46
N ALA A 143 -15.36 14.79 5.28
CA ALA A 143 -16.25 15.02 6.41
C ALA A 143 -16.48 13.70 7.14
N ASP A 144 -16.79 13.76 8.42
CA ASP A 144 -17.13 12.55 9.18
C ASP A 144 -18.39 11.86 8.66
N THR A 145 -19.17 12.55 7.82
CA THR A 145 -20.36 12.01 7.18
C THR A 145 -20.10 11.26 5.87
N ALA A 146 -18.87 11.32 5.39
CA ALA A 146 -18.55 10.79 4.06
C ALA A 146 -18.78 9.28 3.99
N LYS A 147 -19.34 8.84 2.88
CA LYS A 147 -19.54 7.41 2.60
C LYS A 147 -19.00 7.10 1.21
N PHE A 148 -18.07 6.14 1.15
CA PHE A 148 -17.38 5.77 -0.08
C PHE A 148 -17.85 4.40 -0.53
N GLY A 149 -17.75 4.13 -1.82
CA GLY A 149 -18.09 2.82 -2.35
C GLY A 149 -18.08 2.73 -3.86
N GLN A 150 -18.16 1.50 -4.34
CA GLN A 150 -18.21 1.18 -5.76
C GLN A 150 -19.36 0.20 -5.96
N PRO A 151 -20.61 0.69 -5.92
CA PRO A 151 -21.77 -0.20 -5.91
C PRO A 151 -22.27 -0.62 -7.29
N GLU A 152 -21.62 -0.16 -8.35
CA GLU A 152 -22.19 -0.34 -9.69
C GLU A 152 -22.17 -1.81 -10.16
N ILE A 153 -21.41 -2.68 -9.48
CA ILE A 153 -21.46 -4.14 -9.75
C ILE A 153 -22.91 -4.66 -9.62
N LYS A 154 -23.70 -4.01 -8.76
CA LYS A 154 -25.11 -4.38 -8.57
C LYS A 154 -25.95 -4.15 -9.82
N LEU A 155 -25.52 -3.22 -10.68
CA LEU A 155 -26.15 -2.97 -11.97
C LEU A 155 -25.48 -3.76 -13.10
N GLY A 156 -24.53 -4.64 -12.76
CA GLY A 156 -23.76 -5.38 -13.75
C GLY A 156 -22.77 -4.50 -14.49
N VAL A 157 -22.32 -3.44 -13.82
CA VAL A 157 -21.49 -2.38 -14.42
C VAL A 157 -20.17 -2.27 -13.64
N LEU A 158 -19.07 -2.17 -14.40
CA LEU A 158 -17.72 -2.14 -13.83
C LEU A 158 -17.27 -0.71 -13.59
N PRO A 159 -16.23 -0.54 -12.75
CA PRO A 159 -15.65 0.80 -12.67
C PRO A 159 -15.02 1.19 -14.01
N GLY A 160 -15.25 2.42 -14.44
CA GLY A 160 -14.62 2.94 -15.66
C GLY A 160 -13.88 4.24 -15.46
N MET A 161 -13.67 4.64 -14.20
CA MET A 161 -12.97 5.89 -13.91
C MET A 161 -11.77 5.66 -12.99
N GLY A 162 -11.23 4.44 -13.05
CA GLY A 162 -10.00 4.09 -12.34
C GLY A 162 -10.18 3.46 -10.96
N GLY A 163 -11.43 3.21 -10.56
CA GLY A 163 -11.72 2.66 -9.25
C GLY A 163 -11.01 1.35 -8.94
N SER A 164 -10.95 0.44 -9.91
CA SER A 164 -10.29 -0.85 -9.66
C SER A 164 -8.78 -0.65 -9.45
N GLN A 165 -8.24 0.46 -9.94
CA GLN A 165 -6.82 0.74 -9.85
C GLN A 165 -6.44 1.57 -8.63
N ARG A 166 -7.11 2.69 -8.41
CA ARG A 166 -6.76 3.60 -7.32
C ARG A 166 -7.24 3.10 -5.96
N LEU A 167 -8.40 2.46 -5.92
CA LEU A 167 -8.92 1.95 -4.66
C LEU A 167 -7.98 0.88 -4.14
N THR A 168 -7.65 -0.06 -5.02
CA THR A 168 -6.79 -1.19 -4.67
C THR A 168 -5.42 -0.71 -4.18
N ARG A 169 -4.85 0.28 -4.86
CA ARG A 169 -3.56 0.85 -4.46
C ARG A 169 -3.64 1.64 -3.15
N ALA A 170 -4.80 2.21 -2.84
CA ALA A 170 -4.99 2.93 -1.58
C ALA A 170 -5.21 2.01 -0.38
N ILE A 171 -6.13 1.06 -0.50
CA ILE A 171 -6.62 0.30 0.67
C ILE A 171 -6.24 -1.17 0.70
N GLY A 172 -5.63 -1.66 -0.37
CA GLY A 172 -5.14 -3.04 -0.41
C GLY A 172 -6.14 -3.97 -1.07
N LYS A 173 -5.69 -5.15 -1.44
CA LYS A 173 -6.52 -6.08 -2.21
C LYS A 173 -7.79 -6.52 -1.47
N ALA A 174 -7.64 -6.94 -0.23
CA ALA A 174 -8.76 -7.55 0.51
C ALA A 174 -9.94 -6.61 0.60
N LYS A 175 -9.69 -5.35 0.97
CA LYS A 175 -10.79 -4.39 1.11
C LYS A 175 -11.30 -3.92 -0.24
N ALA A 176 -10.42 -3.74 -1.21
CA ALA A 176 -10.84 -3.33 -2.54
C ALA A 176 -11.71 -4.39 -3.21
N MET A 177 -11.32 -5.65 -3.07
CA MET A 177 -12.12 -6.76 -3.62
C MET A 177 -13.48 -6.80 -2.94
N ASP A 178 -13.48 -6.60 -1.64
CA ASP A 178 -14.72 -6.58 -0.84
C ASP A 178 -15.65 -5.48 -1.34
N LEU A 179 -15.14 -4.25 -1.41
CA LEU A 179 -15.97 -3.15 -1.89
C LEU A 179 -16.47 -3.35 -3.32
N ILE A 180 -15.58 -3.78 -4.22
CA ILE A 180 -15.90 -3.84 -5.64
C ILE A 180 -16.77 -5.04 -6.01
N LEU A 181 -16.61 -6.15 -5.29
CA LEU A 181 -17.42 -7.34 -5.58
C LEU A 181 -18.76 -7.37 -4.84
N THR A 182 -18.85 -6.75 -3.66
CA THR A 182 -20.09 -6.71 -2.87
C THR A 182 -20.88 -5.40 -2.98
N GLY A 183 -20.20 -4.32 -3.34
CA GLY A 183 -20.84 -3.01 -3.42
C GLY A 183 -21.09 -2.32 -2.10
N ARG A 184 -20.48 -2.80 -1.02
CA ARG A 184 -20.71 -2.23 0.31
C ARG A 184 -20.06 -0.86 0.46
N THR A 185 -20.58 -0.07 1.38
CA THR A 185 -20.02 1.24 1.62
C THR A 185 -18.94 1.19 2.69
N MET A 186 -18.14 2.23 2.73
CA MET A 186 -17.06 2.37 3.69
C MET A 186 -17.21 3.76 4.28
N ASP A 187 -17.30 3.82 5.60
CA ASP A 187 -17.48 5.10 6.29
C ASP A 187 -16.14 5.83 6.43
N ALA A 188 -16.19 7.06 6.90
CA ALA A 188 -15.01 7.93 6.94
C ALA A 188 -13.88 7.34 7.79
N ALA A 189 -14.22 6.80 8.96
CA ALA A 189 -13.21 6.24 9.86
C ALA A 189 -12.47 5.06 9.23
N GLU A 190 -13.21 4.16 8.60
CA GLU A 190 -12.60 3.04 7.93
C GLU A 190 -11.73 3.52 6.76
N ALA A 191 -12.25 4.47 5.99
CA ALA A 191 -11.51 5.05 4.88
C ALA A 191 -10.18 5.68 5.34
N GLU A 192 -10.20 6.34 6.49
CA GLU A 192 -9.00 6.97 7.03
C GLU A 192 -7.99 5.93 7.51
N ARG A 193 -8.45 4.90 8.21
CA ARG A 193 -7.50 3.92 8.72
C ARG A 193 -7.05 2.93 7.61
N SER A 194 -7.65 3.01 6.43
CA SER A 194 -7.34 2.07 5.34
C SER A 194 -6.46 2.63 4.23
N GLY A 195 -6.29 3.95 4.16
CA GLY A 195 -5.41 4.58 3.19
C GLY A 195 -6.07 5.46 2.16
N LEU A 196 -7.40 5.56 2.21
CA LEU A 196 -8.15 6.26 1.19
C LEU A 196 -8.19 7.79 1.38
N VAL A 197 -8.22 8.25 2.62
N VAL A 197 -8.15 8.22 2.65
CA VAL A 197 -8.37 9.68 2.86
CA VAL A 197 -8.41 9.61 3.04
C VAL A 197 -7.21 10.25 3.66
C VAL A 197 -7.17 10.23 3.68
N SER A 198 -6.92 11.52 3.41
CA SER A 198 -5.82 12.23 4.08
C SER A 198 -6.16 12.53 5.54
N ARG A 199 -7.32 13.14 5.74
CA ARG A 199 -7.79 13.54 7.08
C ARG A 199 -9.31 13.53 7.12
N VAL A 200 -9.85 13.24 8.30
CA VAL A 200 -11.28 13.33 8.57
C VAL A 200 -11.53 14.51 9.49
N VAL A 201 -12.52 15.33 9.13
CA VAL A 201 -12.91 16.49 9.93
C VAL A 201 -14.43 16.53 10.11
N PRO A 202 -14.93 17.28 11.11
CA PRO A 202 -16.39 17.39 11.27
C PRO A 202 -17.06 17.99 10.03
N ALA A 203 -18.24 17.49 9.70
CA ALA A 203 -18.98 17.91 8.50
C ALA A 203 -19.12 19.42 8.39
N ASP A 204 -19.45 20.08 9.50
CA ASP A 204 -19.62 21.55 9.50
C ASP A 204 -18.32 22.31 9.22
N ASP A 205 -17.19 21.64 9.43
CA ASP A 205 -15.86 22.23 9.22
C ASP A 205 -15.18 21.82 7.90
N LEU A 206 -15.83 20.98 7.09
CA LEU A 206 -15.16 20.47 5.87
C LEU A 206 -14.65 21.58 4.97
N LEU A 207 -15.51 22.50 4.55
CA LEU A 207 -15.11 23.52 3.58
C LEU A 207 -14.07 24.49 4.14
N THR A 208 -14.20 24.82 5.43
N THR A 208 -14.17 24.83 5.43
CA THR A 208 -13.20 25.63 6.13
CA THR A 208 -13.14 25.69 6.05
C THR A 208 -11.84 24.96 6.16
C THR A 208 -11.79 24.97 6.21
N GLU A 209 -11.82 23.68 6.53
CA GLU A 209 -10.58 22.89 6.61
C GLU A 209 -9.94 22.69 5.22
N ALA A 210 -10.77 22.42 4.22
CA ALA A 210 -10.29 22.28 2.84
C ALA A 210 -9.70 23.58 2.32
N ARG A 211 -10.38 24.70 2.57
CA ARG A 211 -9.83 26.02 2.21
C ARG A 211 -8.50 26.31 2.91
N ALA A 212 -8.39 25.92 4.16
CA ALA A 212 -7.18 26.17 4.94
C ALA A 212 -6.02 25.34 4.38
N THR A 213 -6.30 24.09 4.05
CA THR A 213 -5.30 23.20 3.46
C THR A 213 -4.87 23.70 2.09
N ALA A 214 -5.85 24.07 1.27
CA ALA A 214 -5.58 24.64 -0.05
C ALA A 214 -4.79 25.94 0.04
N THR A 215 -5.12 26.79 1.00
CA THR A 215 -4.36 28.03 1.20
C THR A 215 -2.91 27.73 1.50
N THR A 216 -2.69 26.81 2.43
CA THR A 216 -1.34 26.42 2.83
C THR A 216 -0.53 25.94 1.62
N ILE A 217 -1.11 25.04 0.85
CA ILE A 217 -0.44 24.48 -0.32
C ILE A 217 -0.19 25.56 -1.38
N SER A 218 -1.19 26.42 -1.60
CA SER A 218 -1.10 27.47 -2.62
C SER A 218 -0.07 28.56 -2.29
N GLN A 219 0.30 28.68 -1.02
CA GLN A 219 1.31 29.66 -0.59
C GLN A 219 2.73 29.07 -0.60
N MET A 220 2.84 27.78 -0.92
CA MET A 220 4.15 27.17 -1.17
C MET A 220 4.66 27.62 -2.52
N SER A 221 5.95 27.44 -2.75
CA SER A 221 6.53 27.55 -4.08
C SER A 221 5.72 26.72 -5.08
N ALA A 222 5.30 27.35 -6.17
CA ALA A 222 4.52 26.66 -7.19
C ALA A 222 5.38 25.57 -7.84
N SER A 223 6.67 25.88 -8.05
CA SER A 223 7.61 24.93 -8.63
C SER A 223 7.85 23.75 -7.70
N ALA A 224 8.09 24.02 -6.42
CA ALA A 224 8.31 22.94 -5.45
C ALA A 224 7.07 22.06 -5.29
N ALA A 225 5.88 22.67 -5.20
CA ALA A 225 4.64 21.92 -5.06
C ALA A 225 4.39 21.02 -6.28
N ARG A 226 4.61 21.57 -7.47
CA ARG A 226 4.41 20.82 -8.71
C ARG A 226 5.38 19.65 -8.80
N MET A 227 6.65 19.91 -8.47
CA MET A 227 7.66 18.87 -8.49
C MET A 227 7.36 17.78 -7.46
N ALA A 228 6.94 18.18 -6.27
CA ALA A 228 6.63 17.21 -5.20
C ALA A 228 5.49 16.28 -5.59
N LYS A 229 4.42 16.86 -6.13
CA LYS A 229 3.28 16.10 -6.62
C LYS A 229 3.69 15.11 -7.71
N GLU A 230 4.47 15.61 -8.66
CA GLU A 230 4.91 14.80 -9.79
C GLU A 230 5.72 13.61 -9.28
N ALA A 231 6.64 13.86 -8.35
CA ALA A 231 7.44 12.80 -7.73
C ALA A 231 6.57 11.74 -7.04
N VAL A 232 5.61 12.18 -6.23
CA VAL A 232 4.71 11.24 -5.54
C VAL A 232 3.95 10.37 -6.53
N ASN A 233 3.47 10.98 -7.62
CA ASN A 233 2.77 10.23 -8.65
C ASN A 233 3.62 9.14 -9.30
N ARG A 234 4.94 9.33 -9.36
CA ARG A 234 5.83 8.32 -9.93
C ARG A 234 5.76 7.02 -9.16
N ALA A 235 5.39 7.08 -7.88
CA ALA A 235 5.37 5.89 -7.02
C ALA A 235 4.44 4.78 -7.50
N PHE A 236 3.50 5.12 -8.38
CA PHE A 236 2.56 4.14 -8.93
C PHE A 236 2.87 3.74 -10.38
N GLU A 237 3.96 4.24 -10.94
CA GLU A 237 4.22 4.05 -12.38
C GLU A 237 5.48 3.27 -12.73
N SER A 238 6.30 2.94 -11.74
CA SER A 238 7.56 2.24 -12.02
C SER A 238 8.09 1.53 -10.78
N SER A 239 9.19 0.82 -10.95
CA SER A 239 9.88 0.21 -9.83
C SER A 239 10.34 1.28 -8.85
N LEU A 240 10.48 0.89 -7.59
CA LEU A 240 11.04 1.79 -6.58
C LEU A 240 12.40 2.36 -7.03
N SER A 241 13.24 1.51 -7.60
N SER A 241 13.25 1.52 -7.60
CA SER A 241 14.56 1.95 -8.04
CA SER A 241 14.58 1.95 -8.05
C SER A 241 14.46 3.12 -9.02
C SER A 241 14.47 3.13 -9.03
N GLU A 242 13.57 3.01 -10.00
CA GLU A 242 13.37 4.10 -10.96
C GLU A 242 12.72 5.34 -10.35
N GLY A 243 11.77 5.15 -9.44
CA GLY A 243 11.15 6.26 -8.73
C GLY A 243 12.15 7.06 -7.91
N LEU A 244 13.06 6.35 -7.24
CA LEU A 244 14.11 7.00 -6.43
C LEU A 244 15.03 7.86 -7.30
N LEU A 245 15.40 7.33 -8.46
CA LEU A 245 16.25 8.04 -9.40
C LEU A 245 15.52 9.27 -9.94
N TYR A 246 14.26 9.10 -10.34
CA TYR A 246 13.48 10.22 -10.83
C TYR A 246 13.39 11.34 -9.78
N GLU A 247 13.08 10.97 -8.55
CA GLU A 247 12.93 11.96 -7.49
C GLU A 247 14.27 12.68 -7.26
N ARG A 248 15.36 11.93 -7.21
CA ARG A 248 16.66 12.55 -6.93
C ARG A 248 17.03 13.56 -8.02
N ARG A 249 16.77 13.21 -9.28
CA ARG A 249 17.07 14.12 -10.39
C ARG A 249 16.17 15.35 -10.40
N LEU A 250 14.90 15.18 -10.07
CA LEU A 250 13.99 16.32 -9.95
C LEU A 250 14.44 17.23 -8.79
N PHE A 251 14.84 16.61 -7.69
CA PHE A 251 15.44 17.31 -6.55
C PHE A 251 16.67 18.11 -6.98
N HIS A 252 17.56 17.49 -7.76
CA HIS A 252 18.71 18.20 -8.30
C HIS A 252 18.30 19.40 -9.13
N SER A 253 17.29 19.24 -9.99
N SER A 253 17.29 19.25 -9.99
CA SER A 253 16.81 20.34 -10.82
CA SER A 253 16.83 20.36 -10.83
C SER A 253 16.28 21.48 -9.97
C SER A 253 16.18 21.48 -10.01
N ALA A 254 15.69 21.18 -8.81
CA ALA A 254 15.16 22.21 -7.92
C ALA A 254 16.23 23.23 -7.53
N PHE A 255 17.50 22.83 -7.54
CA PHE A 255 18.58 23.76 -7.25
C PHE A 255 18.86 24.80 -8.35
N ALA A 256 18.19 24.64 -9.49
CA ALA A 256 18.17 25.67 -10.55
C ALA A 256 17.03 26.68 -10.37
N THR A 257 16.22 26.53 -9.31
CA THR A 257 15.06 27.40 -9.13
C THR A 257 15.34 28.50 -8.09
N GLU A 258 14.72 29.65 -8.30
CA GLU A 258 14.84 30.76 -7.36
C GLU A 258 14.24 30.42 -6.00
N ASP A 259 13.17 29.63 -5.99
CA ASP A 259 12.48 29.32 -4.74
C ASP A 259 13.29 28.42 -3.82
N GLN A 260 14.14 27.55 -4.38
CA GLN A 260 15.07 26.77 -3.58
C GLN A 260 16.03 27.70 -2.86
N SER A 261 16.62 28.63 -3.59
CA SER A 261 17.55 29.60 -3.01
C SER A 261 16.90 30.44 -1.90
N GLU A 262 15.72 30.98 -2.18
CA GLU A 262 15.02 31.84 -1.23
C GLU A 262 14.50 31.04 -0.04
N GLY A 263 13.92 29.87 -0.32
CA GLY A 263 13.41 29.02 0.75
C GLY A 263 14.46 28.65 1.77
N MET A 264 15.65 28.29 1.28
CA MET A 264 16.72 27.86 2.18
C MET A 264 17.39 29.06 2.86
N ALA A 265 17.57 30.15 2.11
CA ALA A 265 18.10 31.38 2.69
C ALA A 265 17.21 31.87 3.84
N ALA A 266 15.89 31.84 3.62
CA ALA A 266 14.91 32.30 4.63
C ALA A 266 14.97 31.45 5.88
N PHE A 267 15.11 30.13 5.70
CA PHE A 267 15.27 29.24 6.84
C PHE A 267 16.51 29.58 7.66
N ILE A 268 17.64 29.74 7.00
CA ILE A 268 18.92 30.03 7.65
C ILE A 268 18.90 31.40 8.34
N GLU A 269 18.21 32.37 7.74
CA GLU A 269 18.16 33.73 8.26
C GLU A 269 16.98 33.93 9.23
N LYS A 270 16.25 32.85 9.51
CA LYS A 270 15.12 32.85 10.45
C LYS A 270 14.03 33.87 10.11
N ARG A 271 13.57 33.80 8.87
CA ARG A 271 12.51 34.69 8.37
C ARG A 271 11.54 33.89 7.50
N ALA A 272 10.40 34.49 7.21
CA ALA A 272 9.42 33.86 6.33
C ALA A 272 9.95 33.93 4.89
N PRO A 273 9.88 32.81 4.14
CA PRO A 273 10.32 32.84 2.75
C PRO A 273 9.39 33.69 1.90
N GLN A 274 9.94 34.35 0.89
CA GLN A 274 9.18 35.22 0.00
C GLN A 274 9.21 34.64 -1.42
N PHE A 275 8.29 33.73 -1.72
CA PHE A 275 8.35 32.93 -2.96
C PHE A 275 7.85 33.64 -4.22
N THR A 276 8.54 33.37 -5.33
CA THR A 276 8.23 33.98 -6.63
C THR A 276 7.63 32.97 -7.63
N HIS A 277 7.56 31.70 -7.23
CA HIS A 277 7.04 30.62 -8.07
C HIS A 277 7.90 30.44 -9.34
N ARG A 278 9.22 30.61 -9.16
CA ARG A 278 10.21 30.42 -10.23
C ARG A 278 11.46 29.71 -9.66
N THR B 23 -14.57 -37.49 -3.56
CA THR B 23 -13.66 -38.25 -2.64
C THR B 23 -12.32 -37.54 -2.47
N TYR B 24 -12.23 -36.68 -1.45
CA TYR B 24 -10.96 -36.07 -1.05
C TYR B 24 -10.58 -36.59 0.32
N GLU B 25 -9.28 -36.67 0.56
CA GLU B 25 -8.77 -37.17 1.84
C GLU B 25 -8.52 -36.08 2.88
N THR B 26 -8.20 -34.86 2.45
CA THR B 26 -7.79 -33.78 3.36
C THR B 26 -8.74 -32.58 3.41
N ILE B 27 -9.73 -32.54 2.52
CA ILE B 27 -10.70 -31.46 2.49
C ILE B 27 -12.13 -31.98 2.40
N LEU B 28 -13.07 -31.06 2.63
CA LEU B 28 -14.50 -31.30 2.41
C LEU B 28 -15.01 -30.22 1.46
N VAL B 29 -15.84 -30.62 0.51
CA VAL B 29 -16.42 -29.70 -0.45
C VAL B 29 -17.95 -29.78 -0.41
N GLU B 30 -18.61 -28.64 -0.24
CA GLU B 30 -20.08 -28.56 -0.30
C GLU B 30 -20.52 -27.46 -1.26
N ARG B 31 -21.66 -27.67 -1.91
CA ARG B 31 -22.30 -26.68 -2.76
C ARG B 31 -23.65 -26.30 -2.17
N ASP B 32 -23.92 -25.00 -2.09
CA ASP B 32 -25.20 -24.48 -1.60
C ASP B 32 -25.59 -23.31 -2.51
N GLN B 33 -26.57 -23.54 -3.39
CA GLN B 33 -26.98 -22.55 -4.39
C GLN B 33 -25.79 -22.26 -5.30
N ARG B 34 -25.37 -20.99 -5.40
CA ARG B 34 -24.21 -20.63 -6.24
C ARG B 34 -22.92 -20.45 -5.44
N VAL B 35 -22.86 -21.00 -4.23
CA VAL B 35 -21.66 -20.91 -3.39
C VAL B 35 -21.03 -22.29 -3.20
N GLY B 36 -19.74 -22.39 -3.50
CA GLY B 36 -18.95 -23.59 -3.18
C GLY B 36 -18.11 -23.31 -1.96
N ILE B 37 -17.98 -24.30 -1.08
CA ILE B 37 -17.21 -24.15 0.15
C ILE B 37 -16.21 -25.28 0.27
N ILE B 38 -14.93 -24.92 0.31
CA ILE B 38 -13.85 -25.85 0.57
C ILE B 38 -13.39 -25.68 2.02
N THR B 39 -13.49 -26.74 2.80
CA THR B 39 -13.08 -26.73 4.19
C THR B 39 -11.90 -27.66 4.37
N LEU B 40 -10.78 -27.12 4.86
CA LEU B 40 -9.62 -27.97 5.16
C LEU B 40 -10.00 -28.88 6.32
N ASN B 41 -9.58 -30.14 6.24
CA ASN B 41 -10.02 -31.17 7.17
C ASN B 41 -8.87 -32.04 7.67
N ARG B 42 -7.90 -31.41 8.33
CA ARG B 42 -6.83 -32.11 9.03
C ARG B 42 -6.77 -31.57 10.46
N PRO B 43 -7.83 -31.82 11.25
CA PRO B 43 -7.97 -31.21 12.56
C PRO B 43 -6.87 -31.57 13.56
N GLN B 44 -6.39 -32.82 13.51
CA GLN B 44 -5.33 -33.27 14.41
C GLN B 44 -4.00 -32.54 14.14
N ALA B 45 -3.83 -32.06 12.91
CA ALA B 45 -2.61 -31.34 12.51
C ALA B 45 -2.83 -29.83 12.42
N LEU B 46 -3.92 -29.33 13.01
CA LEU B 46 -4.30 -27.91 12.93
C LEU B 46 -4.38 -27.40 11.49
N ASN B 47 -4.88 -28.26 10.59
CA ASN B 47 -5.04 -27.96 9.17
C ASN B 47 -3.73 -27.53 8.46
N ALA B 48 -2.61 -28.05 8.94
CA ALA B 48 -1.31 -27.80 8.33
C ALA B 48 -1.33 -28.24 6.87
N LEU B 49 -0.72 -27.45 5.99
CA LEU B 49 -0.72 -27.75 4.57
C LEU B 49 0.38 -28.76 4.24
N ASN B 50 0.05 -29.68 3.35
CA ASN B 50 1.03 -30.59 2.76
C ASN B 50 0.74 -30.67 1.27
N SER B 51 1.51 -31.49 0.54
CA SER B 51 1.32 -31.61 -0.90
C SER B 51 -0.07 -32.11 -1.27
N GLN B 52 -0.62 -33.01 -0.47
CA GLN B 52 -1.95 -33.54 -0.74
C GLN B 52 -3.01 -32.43 -0.64
N VAL B 53 -2.92 -31.60 0.40
CA VAL B 53 -3.86 -30.48 0.56
C VAL B 53 -3.77 -29.52 -0.62
N MET B 54 -2.54 -29.22 -1.05
CA MET B 54 -2.32 -28.35 -2.20
C MET B 54 -3.02 -28.90 -3.43
N ASN B 55 -2.79 -30.18 -3.71
CA ASN B 55 -3.39 -30.82 -4.88
C ASN B 55 -4.91 -30.90 -4.79
N GLU B 56 -5.44 -31.21 -3.61
CA GLU B 56 -6.89 -31.36 -3.44
C GLU B 56 -7.60 -29.99 -3.47
N VAL B 57 -7.05 -29.02 -2.74
CA VAL B 57 -7.63 -27.67 -2.75
C VAL B 57 -7.65 -27.08 -4.15
N THR B 58 -6.51 -27.14 -4.84
CA THR B 58 -6.44 -26.61 -6.19
C THR B 58 -7.34 -27.36 -7.19
N SER B 59 -7.44 -28.68 -7.03
N SER B 59 -7.44 -28.68 -7.02
CA SER B 59 -8.33 -29.48 -7.90
CA SER B 59 -8.31 -29.50 -7.85
C SER B 59 -9.80 -29.12 -7.69
C SER B 59 -9.79 -29.11 -7.69
N ALA B 60 -10.22 -29.00 -6.43
CA ALA B 60 -11.61 -28.65 -6.11
C ALA B 60 -11.94 -27.23 -6.57
N ALA B 61 -11.05 -26.29 -6.28
CA ALA B 61 -11.26 -24.90 -6.68
C ALA B 61 -11.38 -24.79 -8.20
N THR B 62 -10.56 -25.52 -8.93
CA THR B 62 -10.58 -25.48 -10.39
C THR B 62 -11.89 -26.10 -10.92
N GLU B 63 -12.31 -27.21 -10.33
CA GLU B 63 -13.59 -27.82 -10.70
C GLU B 63 -14.75 -26.85 -10.43
N LEU B 64 -14.76 -26.24 -9.24
CA LEU B 64 -15.79 -25.22 -8.92
C LEU B 64 -15.74 -24.02 -9.87
N ASP B 65 -14.53 -23.61 -10.25
CA ASP B 65 -14.34 -22.48 -11.16
C ASP B 65 -14.96 -22.76 -12.54
N ASP B 66 -14.92 -24.01 -12.98
CA ASP B 66 -15.47 -24.37 -14.29
C ASP B 66 -16.97 -24.73 -14.24
N ASP B 67 -17.56 -24.72 -13.06
CA ASP B 67 -18.98 -25.03 -12.89
C ASP B 67 -19.81 -23.75 -13.05
N PRO B 68 -20.62 -23.67 -14.12
CA PRO B 68 -21.43 -22.47 -14.35
C PRO B 68 -22.48 -22.16 -13.27
N ASP B 69 -22.78 -23.12 -12.40
CA ASP B 69 -23.73 -22.92 -11.31
C ASP B 69 -23.09 -22.43 -10.02
N ILE B 70 -21.80 -22.07 -10.07
CA ILE B 70 -21.08 -21.57 -8.91
C ILE B 70 -20.54 -20.18 -9.25
N GLY B 71 -20.84 -19.21 -8.38
CA GLY B 71 -20.43 -17.82 -8.57
C GLY B 71 -19.49 -17.29 -7.50
N ALA B 72 -19.23 -18.08 -6.47
CA ALA B 72 -18.32 -17.70 -5.39
C ALA B 72 -17.83 -18.94 -4.66
N ILE B 73 -16.57 -18.90 -4.25
CA ILE B 73 -15.91 -20.03 -3.63
C ILE B 73 -15.36 -19.57 -2.28
N ILE B 74 -15.74 -20.27 -1.22
CA ILE B 74 -15.19 -20.02 0.10
C ILE B 74 -14.14 -21.07 0.44
N ILE B 75 -13.03 -20.63 1.02
CA ILE B 75 -12.06 -21.53 1.62
C ILE B 75 -11.98 -21.24 3.11
N THR B 76 -12.09 -22.29 3.93
CA THR B 76 -12.06 -22.12 5.38
C THR B 76 -11.46 -23.34 6.07
N GLY B 77 -11.14 -23.18 7.35
CA GLY B 77 -10.62 -24.27 8.17
C GLY B 77 -11.52 -24.51 9.37
N SER B 78 -10.91 -24.61 10.55
CA SER B 78 -11.66 -24.82 11.80
C SER B 78 -11.63 -23.55 12.65
N ALA B 79 -12.34 -23.58 13.78
CA ALA B 79 -12.38 -22.44 14.68
C ALA B 79 -11.03 -22.21 15.35
N LYS B 80 -10.26 -23.28 15.53
CA LYS B 80 -8.93 -23.20 16.11
C LYS B 80 -7.87 -22.78 15.08
N ALA B 81 -8.05 -23.21 13.84
CA ALA B 81 -7.03 -23.00 12.81
C ALA B 81 -7.56 -23.09 11.38
N PHE B 82 -7.41 -21.99 10.65
CA PHE B 82 -7.62 -21.95 9.21
C PHE B 82 -6.61 -22.91 8.57
N ALA B 83 -5.33 -22.68 8.89
CA ALA B 83 -4.23 -23.57 8.51
C ALA B 83 -2.99 -23.13 9.27
N ALA B 84 -2.52 -23.97 10.17
CA ALA B 84 -1.37 -23.66 11.00
C ALA B 84 -0.12 -24.30 10.43
N GLY B 85 0.57 -23.58 9.56
CA GLY B 85 1.85 -24.01 9.03
C GLY B 85 1.77 -25.14 8.02
N ALA B 86 2.84 -25.93 7.98
CA ALA B 86 3.01 -26.91 6.93
C ALA B 86 3.62 -28.19 7.47
N ASP B 87 3.52 -29.26 6.69
CA ASP B 87 4.19 -30.52 6.99
C ASP B 87 5.67 -30.35 6.70
N ILE B 88 6.48 -30.32 7.74
CA ILE B 88 7.89 -30.04 7.61
C ILE B 88 8.69 -31.27 7.14
N LYS B 89 8.18 -32.48 7.42
CA LYS B 89 8.85 -33.69 6.97
C LYS B 89 8.95 -33.80 5.44
N GLU B 90 7.98 -33.22 4.74
CA GLU B 90 7.99 -33.18 3.28
C GLU B 90 9.03 -32.24 2.67
N MET B 91 9.62 -31.38 3.50
CA MET B 91 10.63 -30.41 3.06
C MET B 91 12.02 -30.66 3.65
N ALA B 92 12.09 -31.27 4.83
CA ALA B 92 13.32 -31.35 5.60
C ALA B 92 14.53 -31.87 4.82
N ASP B 93 14.32 -32.87 3.97
CA ASP B 93 15.41 -33.53 3.25
C ASP B 93 15.59 -33.07 1.79
N LEU B 94 14.86 -32.05 1.37
CA LEU B 94 14.95 -31.57 -0.02
C LEU B 94 16.29 -30.90 -0.28
N THR B 95 16.85 -31.19 -1.47
CA THR B 95 17.98 -30.46 -2.01
C THR B 95 17.42 -29.36 -2.91
N PHE B 96 18.26 -28.40 -3.28
CA PHE B 96 17.86 -27.43 -4.31
C PHE B 96 17.36 -28.15 -5.57
N ALA B 97 18.13 -29.13 -6.06
CA ALA B 97 17.74 -29.88 -7.26
C ALA B 97 16.36 -30.50 -7.14
N ASP B 98 16.06 -31.10 -5.98
CA ASP B 98 14.74 -31.66 -5.72
C ASP B 98 13.67 -30.57 -5.89
N ALA B 99 13.89 -29.44 -5.25
CA ALA B 99 12.89 -28.39 -5.17
C ALA B 99 12.67 -27.74 -6.54
N PHE B 100 13.77 -27.51 -7.26
CA PHE B 100 13.73 -26.89 -8.58
C PHE B 100 13.08 -27.81 -9.61
N THR B 101 13.39 -29.10 -9.52
CA THR B 101 12.83 -30.07 -10.44
C THR B 101 11.34 -30.24 -10.21
N ALA B 102 10.94 -30.32 -8.95
CA ALA B 102 9.53 -30.37 -8.58
C ALA B 102 8.80 -29.06 -8.85
N ASP B 103 9.54 -27.96 -8.94
CA ASP B 103 8.97 -26.60 -8.85
C ASP B 103 8.04 -26.56 -7.63
N PHE B 104 8.63 -26.90 -6.49
CA PHE B 104 7.92 -27.06 -5.22
C PHE B 104 7.04 -25.85 -4.93
N PHE B 105 5.75 -26.12 -4.68
CA PHE B 105 4.71 -25.11 -4.38
C PHE B 105 4.11 -24.40 -5.59
N ALA B 106 4.65 -24.63 -6.79
CA ALA B 106 4.13 -23.94 -7.98
C ALA B 106 2.64 -24.20 -8.21
N THR B 107 2.18 -25.41 -7.87
CA THR B 107 0.80 -25.81 -8.12
C THR B 107 -0.23 -24.93 -7.39
N TRP B 108 0.17 -24.30 -6.29
CA TRP B 108 -0.69 -23.32 -5.60
C TRP B 108 -1.12 -22.16 -6.51
N GLY B 109 -0.30 -21.86 -7.53
CA GLY B 109 -0.67 -20.88 -8.55
C GLY B 109 -2.01 -21.15 -9.22
N LYS B 110 -2.45 -22.41 -9.23
CA LYS B 110 -3.78 -22.74 -9.77
C LYS B 110 -4.90 -22.02 -8.99
N LEU B 111 -4.72 -21.82 -7.70
CA LEU B 111 -5.72 -21.13 -6.88
C LEU B 111 -5.82 -19.65 -7.28
N ALA B 112 -4.69 -18.97 -7.42
CA ALA B 112 -4.69 -17.56 -7.87
C ALA B 112 -5.23 -17.43 -9.30
N ALA B 113 -5.15 -18.51 -10.07
CA ALA B 113 -5.63 -18.52 -11.45
C ALA B 113 -7.16 -18.70 -11.55
N VAL B 114 -7.81 -19.06 -10.45
CA VAL B 114 -9.26 -19.22 -10.44
C VAL B 114 -9.90 -17.88 -10.78
N ARG B 115 -10.83 -17.90 -11.72
CA ARG B 115 -11.43 -16.67 -12.24
C ARG B 115 -12.63 -16.20 -11.41
N THR B 116 -13.34 -17.15 -10.84
CA THR B 116 -14.45 -16.88 -9.93
C THR B 116 -13.93 -16.29 -8.62
N PRO B 117 -14.67 -15.33 -8.02
CA PRO B 117 -14.28 -14.77 -6.75
C PRO B 117 -14.08 -15.81 -5.65
N THR B 118 -12.99 -15.67 -4.90
CA THR B 118 -12.68 -16.55 -3.79
C THR B 118 -12.66 -15.75 -2.50
N ILE B 119 -13.20 -16.36 -1.45
CA ILE B 119 -13.28 -15.76 -0.13
C ILE B 119 -12.61 -16.67 0.88
N ALA B 120 -11.59 -16.17 1.56
CA ALA B 120 -10.98 -16.89 2.67
C ALA B 120 -11.71 -16.50 3.95
N ALA B 121 -12.27 -17.49 4.63
CA ALA B 121 -12.93 -17.27 5.91
C ALA B 121 -12.00 -17.81 6.99
N VAL B 122 -11.33 -16.90 7.69
CA VAL B 122 -10.19 -17.24 8.53
C VAL B 122 -10.47 -17.13 10.02
N ALA B 123 -10.48 -18.27 10.70
CA ALA B 123 -10.57 -18.30 12.15
C ALA B 123 -9.28 -18.88 12.70
N GLY B 124 -8.88 -18.40 13.88
CA GLY B 124 -7.71 -18.93 14.58
C GLY B 124 -6.41 -18.78 13.80
N TYR B 125 -5.58 -19.81 13.84
CA TYR B 125 -4.25 -19.74 13.25
C TYR B 125 -4.30 -19.76 11.74
N ALA B 126 -3.64 -18.76 11.15
CA ALA B 126 -3.37 -18.76 9.72
C ALA B 126 -1.90 -18.39 9.63
N LEU B 127 -1.04 -19.41 9.73
CA LEU B 127 0.39 -19.22 9.93
C LEU B 127 1.17 -19.86 8.79
N GLY B 128 2.25 -19.19 8.39
CA GLY B 128 3.08 -19.65 7.29
C GLY B 128 2.28 -19.85 6.03
N GLY B 129 2.31 -21.07 5.51
CA GLY B 129 1.53 -21.43 4.32
C GLY B 129 0.06 -21.11 4.44
N GLY B 130 -0.48 -21.20 5.66
CA GLY B 130 -1.88 -20.87 5.92
C GLY B 130 -2.17 -19.39 5.75
N CYS B 131 -1.24 -18.54 6.17
CA CYS B 131 -1.34 -17.10 5.93
C CYS B 131 -1.31 -16.83 4.42
N GLU B 132 -0.40 -17.50 3.73
CA GLU B 132 -0.23 -17.33 2.31
C GLU B 132 -1.46 -17.80 1.54
N LEU B 133 -2.07 -18.90 1.99
CA LEU B 133 -3.29 -19.38 1.36
C LEU B 133 -4.42 -18.36 1.48
N ALA B 134 -4.56 -17.77 2.66
CA ALA B 134 -5.58 -16.72 2.88
C ALA B 134 -5.36 -15.53 1.95
N MET B 135 -4.10 -15.11 1.81
CA MET B 135 -3.76 -13.95 0.97
C MET B 135 -3.93 -14.19 -0.53
N MET B 136 -3.92 -15.44 -0.95
CA MET B 136 -4.17 -15.79 -2.36
C MET B 136 -5.61 -15.55 -2.77
N CYS B 137 -6.54 -15.60 -1.82
CA CYS B 137 -7.96 -15.37 -2.11
C CYS B 137 -8.22 -13.88 -2.32
N ASP B 138 -9.38 -13.56 -2.88
CA ASP B 138 -9.70 -12.17 -3.19
C ASP B 138 -10.18 -11.40 -1.97
N VAL B 139 -11.15 -11.99 -1.26
CA VAL B 139 -11.74 -11.40 -0.06
C VAL B 139 -11.31 -12.23 1.14
N LEU B 140 -11.00 -11.55 2.24
CA LEU B 140 -10.57 -12.21 3.45
C LEU B 140 -11.43 -11.71 4.61
N ILE B 141 -12.31 -12.58 5.11
CA ILE B 141 -13.13 -12.29 6.27
C ILE B 141 -12.49 -13.03 7.45
N ALA B 142 -12.11 -12.28 8.48
CA ALA B 142 -11.43 -12.83 9.64
C ALA B 142 -12.35 -12.82 10.84
N ALA B 143 -12.32 -13.92 11.59
CA ALA B 143 -12.88 -13.93 12.93
C ALA B 143 -11.99 -13.11 13.84
N ASP B 144 -12.55 -12.59 14.93
CA ASP B 144 -11.75 -11.85 15.90
C ASP B 144 -10.66 -12.71 16.57
N THR B 145 -10.75 -14.02 16.39
CA THR B 145 -9.74 -14.95 16.89
C THR B 145 -8.56 -15.18 15.93
N ALA B 146 -8.65 -14.64 14.71
CA ALA B 146 -7.62 -14.84 13.69
C ALA B 146 -6.23 -14.37 14.16
N LYS B 147 -5.23 -15.24 13.95
CA LYS B 147 -3.84 -14.91 14.24
C LYS B 147 -3.02 -15.19 12.97
N PHE B 148 -2.40 -14.15 12.45
CA PHE B 148 -1.63 -14.25 11.21
C PHE B 148 -0.14 -14.25 11.51
N GLY B 149 0.62 -14.97 10.71
CA GLY B 149 2.07 -15.00 10.88
C GLY B 149 2.77 -15.68 9.73
N GLN B 150 4.07 -15.41 9.62
CA GLN B 150 4.98 -16.05 8.67
C GLN B 150 6.23 -16.46 9.43
N PRO B 151 6.14 -17.54 10.21
CA PRO B 151 7.20 -17.86 11.16
C PRO B 151 8.34 -18.75 10.63
N GLU B 152 8.34 -19.10 9.35
CA GLU B 152 9.26 -20.16 8.92
C GLU B 152 10.73 -19.72 8.77
N ILE B 153 11.02 -18.43 8.97
CA ILE B 153 12.40 -18.00 9.19
C ILE B 153 13.03 -18.77 10.37
N LYS B 154 12.21 -19.15 11.35
CA LYS B 154 12.69 -19.92 12.49
C LYS B 154 13.18 -21.31 12.09
N LEU B 155 12.72 -21.79 10.93
CA LEU B 155 13.10 -23.09 10.39
C LEU B 155 14.20 -22.97 9.30
N GLY B 156 14.78 -21.77 9.18
CA GLY B 156 15.88 -21.55 8.26
C GLY B 156 15.51 -21.35 6.81
N VAL B 157 14.23 -21.01 6.55
CA VAL B 157 13.80 -20.69 5.20
C VAL B 157 12.97 -19.42 5.19
N LEU B 158 12.65 -18.92 4.02
CA LEU B 158 11.81 -17.74 3.87
C LEU B 158 10.44 -18.20 3.38
N PRO B 159 9.47 -17.29 3.23
CA PRO B 159 8.21 -17.68 2.62
C PRO B 159 8.39 -18.24 1.22
N GLY B 160 7.61 -19.28 0.89
CA GLY B 160 7.69 -19.92 -0.43
C GLY B 160 6.36 -20.01 -1.17
N MET B 161 5.29 -19.48 -0.59
CA MET B 161 3.97 -19.49 -1.20
C MET B 161 3.44 -18.08 -1.44
N GLY B 162 4.37 -17.13 -1.56
CA GLY B 162 4.01 -15.77 -1.98
C GLY B 162 3.89 -14.77 -0.86
N GLY B 163 4.14 -15.20 0.39
CA GLY B 163 4.01 -14.33 1.55
C GLY B 163 4.85 -13.06 1.48
N SER B 164 6.08 -13.18 1.00
CA SER B 164 6.96 -12.01 0.91
C SER B 164 6.42 -10.98 -0.09
N GLN B 165 5.58 -11.42 -1.02
CA GLN B 165 5.01 -10.55 -2.04
C GLN B 165 3.65 -9.99 -1.65
N ARG B 166 2.76 -10.87 -1.20
CA ARG B 166 1.39 -10.46 -0.89
C ARG B 166 1.25 -9.76 0.47
N LEU B 167 1.99 -10.24 1.48
CA LEU B 167 1.95 -9.60 2.80
C LEU B 167 2.45 -8.17 2.69
N THR B 168 3.59 -8.00 2.01
CA THR B 168 4.22 -6.71 1.85
C THR B 168 3.31 -5.72 1.12
N ARG B 169 2.69 -6.18 0.05
CA ARG B 169 1.76 -5.36 -0.72
C ARG B 169 0.51 -5.00 0.09
N ALA B 170 0.10 -5.88 1.00
CA ALA B 170 -1.09 -5.66 1.84
C ALA B 170 -0.82 -4.68 2.99
N ILE B 171 0.24 -4.92 3.76
CA ILE B 171 0.45 -4.21 5.03
C ILE B 171 1.63 -3.23 5.08
N GLY B 172 2.38 -3.16 3.98
CA GLY B 172 3.53 -2.28 3.89
C GLY B 172 4.82 -2.93 4.35
N LYS B 173 5.94 -2.31 4.00
CA LYS B 173 7.26 -2.90 4.26
C LYS B 173 7.57 -3.09 5.75
N ALA B 174 7.33 -2.04 6.53
CA ALA B 174 7.74 -2.04 7.93
C ALA B 174 7.15 -3.22 8.69
N LYS B 175 5.85 -3.42 8.53
CA LYS B 175 5.18 -4.51 9.22
C LYS B 175 5.46 -5.87 8.58
N ALA B 176 5.55 -5.93 7.26
CA ALA B 176 5.91 -7.18 6.59
C ALA B 176 7.30 -7.67 7.02
N MET B 177 8.27 -6.77 7.07
CA MET B 177 9.63 -7.12 7.48
C MET B 177 9.65 -7.62 8.93
N ASP B 178 8.89 -6.93 9.77
CA ASP B 178 8.78 -7.29 11.17
C ASP B 178 8.25 -8.71 11.28
N LEU B 179 7.12 -9.00 10.64
CA LEU B 179 6.53 -10.35 10.72
C LEU B 179 7.48 -11.41 10.14
N ILE B 180 8.02 -11.14 8.96
CA ILE B 180 8.83 -12.14 8.26
C ILE B 180 10.21 -12.37 8.88
N LEU B 181 10.84 -11.34 9.46
CA LEU B 181 12.14 -11.49 10.08
C LEU B 181 12.10 -11.99 11.53
N THR B 182 11.00 -11.72 12.26
CA THR B 182 10.88 -12.10 13.68
C THR B 182 9.99 -13.29 13.92
N GLY B 183 9.08 -13.56 12.97
CA GLY B 183 8.08 -14.61 13.12
C GLY B 183 6.95 -14.28 14.09
N ARG B 184 6.82 -13.01 14.50
CA ARG B 184 5.78 -12.63 15.45
C ARG B 184 4.41 -12.75 14.82
N THR B 185 3.39 -12.91 15.66
CA THR B 185 2.02 -13.02 15.19
C THR B 185 1.34 -11.65 15.17
N MET B 186 0.35 -11.52 14.30
CA MET B 186 -0.45 -10.30 14.16
C MET B 186 -1.91 -10.67 14.39
N ASP B 187 -2.56 -10.02 15.35
CA ASP B 187 -3.97 -10.31 15.67
C ASP B 187 -4.92 -9.70 14.63
N ALA B 188 -6.20 -10.00 14.77
CA ALA B 188 -7.21 -9.60 13.79
C ALA B 188 -7.33 -8.09 13.66
N ALA B 189 -7.29 -7.39 14.79
CA ALA B 189 -7.39 -5.93 14.82
C ALA B 189 -6.24 -5.25 14.08
N GLU B 190 -5.02 -5.72 14.32
CA GLU B 190 -3.86 -5.16 13.62
C GLU B 190 -3.96 -5.46 12.13
N ALA B 191 -4.33 -6.69 11.79
CA ALA B 191 -4.47 -7.10 10.40
C ALA B 191 -5.50 -6.23 9.67
N GLU B 192 -6.61 -5.92 10.36
CA GLU B 192 -7.66 -5.14 9.73
C GLU B 192 -7.25 -3.67 9.51
N ARG B 193 -6.54 -3.07 10.46
CA ARG B 193 -6.14 -1.68 10.28
C ARG B 193 -4.92 -1.54 9.38
N SER B 194 -4.27 -2.67 9.04
CA SER B 194 -3.03 -2.66 8.27
C SER B 194 -3.20 -3.00 6.79
N GLY B 195 -4.34 -3.58 6.42
CA GLY B 195 -4.64 -3.84 5.01
C GLY B 195 -4.79 -5.30 4.64
N LEU B 196 -4.60 -6.20 5.60
CA LEU B 196 -4.57 -7.63 5.30
C LEU B 196 -5.95 -8.26 5.13
N VAL B 197 -6.96 -7.75 5.84
CA VAL B 197 -8.29 -8.36 5.83
C VAL B 197 -9.39 -7.40 5.42
N SER B 198 -10.44 -7.96 4.81
CA SER B 198 -11.58 -7.17 4.35
C SER B 198 -12.43 -6.70 5.53
N ARG B 199 -12.77 -7.64 6.41
CA ARG B 199 -13.64 -7.38 7.56
C ARG B 199 -13.27 -8.33 8.70
N VAL B 200 -13.47 -7.85 9.93
CA VAL B 200 -13.39 -8.70 11.13
C VAL B 200 -14.79 -8.85 11.72
N VAL B 201 -15.15 -10.10 12.05
CA VAL B 201 -16.46 -10.42 12.64
C VAL B 201 -16.25 -11.29 13.88
N PRO B 202 -17.28 -11.39 14.75
CA PRO B 202 -17.12 -12.28 15.89
C PRO B 202 -16.93 -13.72 15.44
N ALA B 203 -16.10 -14.46 16.18
CA ALA B 203 -15.78 -15.85 15.87
C ALA B 203 -17.03 -16.69 15.60
N ASP B 204 -18.07 -16.52 16.44
CA ASP B 204 -19.32 -17.26 16.28
C ASP B 204 -20.08 -16.95 14.99
N ASP B 205 -19.80 -15.79 14.39
CA ASP B 205 -20.50 -15.37 13.16
C ASP B 205 -19.67 -15.54 11.89
N LEU B 206 -18.44 -16.04 11.99
CA LEU B 206 -17.54 -16.10 10.83
C LEU B 206 -18.18 -16.79 9.63
N LEU B 207 -18.65 -18.02 9.81
CA LEU B 207 -19.17 -18.79 8.70
C LEU B 207 -20.46 -18.19 8.14
N THR B 208 -21.33 -17.69 9.02
CA THR B 208 -22.55 -17.02 8.60
C THR B 208 -22.24 -15.80 7.74
N GLU B 209 -21.30 -14.98 8.21
CA GLU B 209 -20.89 -13.76 7.50
C GLU B 209 -20.19 -14.06 6.18
N ALA B 210 -19.31 -15.07 6.18
CA ALA B 210 -18.63 -15.48 4.95
C ALA B 210 -19.63 -15.97 3.94
N ARG B 211 -20.58 -16.80 4.37
CA ARG B 211 -21.65 -17.28 3.49
C ARG B 211 -22.52 -16.14 2.94
N ALA B 212 -22.82 -15.16 3.78
CA ALA B 212 -23.62 -13.99 3.36
C ALA B 212 -22.91 -13.24 2.25
N THR B 213 -21.62 -12.99 2.45
CA THR B 213 -20.79 -12.27 1.46
C THR B 213 -20.68 -13.08 0.18
N ALA B 214 -20.45 -14.38 0.32
CA ALA B 214 -20.37 -15.26 -0.85
C ALA B 214 -21.68 -15.28 -1.63
N THR B 215 -22.80 -15.27 -0.90
CA THR B 215 -24.12 -15.26 -1.53
C THR B 215 -24.30 -13.99 -2.36
N THR B 216 -23.99 -12.84 -1.76
CA THR B 216 -24.06 -11.55 -2.44
C THR B 216 -23.25 -11.55 -3.73
N ILE B 217 -22.01 -12.01 -3.67
CA ILE B 217 -21.12 -12.00 -4.82
C ILE B 217 -21.62 -12.99 -5.90
N SER B 218 -22.08 -14.15 -5.45
CA SER B 218 -22.57 -15.19 -6.34
C SER B 218 -23.85 -14.80 -7.08
N GLN B 219 -24.61 -13.84 -6.53
CA GLN B 219 -25.83 -13.36 -7.19
C GLN B 219 -25.59 -12.15 -8.09
N MET B 220 -24.35 -11.69 -8.17
CA MET B 220 -23.96 -10.74 -9.21
C MET B 220 -23.86 -11.48 -10.56
N SER B 221 -23.84 -10.72 -11.63
CA SER B 221 -23.49 -11.25 -12.95
C SER B 221 -22.13 -11.96 -12.86
N ALA B 222 -22.06 -13.20 -13.32
CA ALA B 222 -20.82 -13.98 -13.28
C ALA B 222 -19.71 -13.28 -14.04
N SER B 223 -20.03 -12.79 -15.23
CA SER B 223 -19.04 -12.11 -16.07
C SER B 223 -18.62 -10.77 -15.48
N ALA B 224 -19.57 -10.02 -14.92
CA ALA B 224 -19.24 -8.74 -14.31
C ALA B 224 -18.33 -8.95 -13.08
N ALA B 225 -18.67 -9.90 -12.22
CA ALA B 225 -17.85 -10.19 -11.05
C ALA B 225 -16.45 -10.71 -11.45
N ARG B 226 -16.38 -11.52 -12.50
CA ARG B 226 -15.07 -11.98 -13.00
C ARG B 226 -14.22 -10.85 -13.56
N MET B 227 -14.86 -9.95 -14.31
CA MET B 227 -14.16 -8.82 -14.92
C MET B 227 -13.69 -7.84 -13.86
N ALA B 228 -14.51 -7.64 -12.84
CA ALA B 228 -14.16 -6.73 -11.75
C ALA B 228 -12.94 -7.27 -10.99
N LYS B 229 -12.98 -8.56 -10.66
CA LYS B 229 -11.85 -9.24 -10.03
C LYS B 229 -10.58 -9.12 -10.87
N GLU B 230 -10.71 -9.37 -12.17
CA GLU B 230 -9.59 -9.29 -13.09
C GLU B 230 -8.96 -7.90 -13.11
N ALA B 231 -9.83 -6.88 -13.16
CA ALA B 231 -9.39 -5.49 -13.14
C ALA B 231 -8.61 -5.16 -11.87
N VAL B 232 -9.13 -5.56 -10.71
CA VAL B 232 -8.46 -5.30 -9.44
C VAL B 232 -7.08 -5.97 -9.41
N ASN B 233 -7.02 -7.22 -9.87
CA ASN B 233 -5.75 -7.95 -9.93
C ASN B 233 -4.67 -7.28 -10.78
N ARG B 234 -5.07 -6.51 -11.80
CA ARG B 234 -4.12 -5.75 -12.64
C ARG B 234 -3.35 -4.68 -11.87
N ALA B 235 -3.91 -4.24 -10.73
CA ALA B 235 -3.31 -3.18 -9.93
C ALA B 235 -1.96 -3.58 -9.34
N PHE B 236 -1.65 -4.88 -9.33
CA PHE B 236 -0.37 -5.41 -8.87
C PHE B 236 0.60 -5.84 -9.97
N GLU B 237 0.20 -5.71 -11.24
CA GLU B 237 0.97 -6.27 -12.36
C GLU B 237 1.55 -5.26 -13.35
N SER B 238 1.21 -3.98 -13.20
CA SER B 238 1.69 -2.98 -14.15
C SER B 238 1.61 -1.59 -13.55
N SER B 239 2.07 -0.61 -14.31
CA SER B 239 1.94 0.79 -13.92
C SER B 239 0.46 1.19 -13.82
N LEU B 240 0.18 2.21 -13.01
CA LEU B 240 -1.18 2.74 -12.92
C LEU B 240 -1.71 3.14 -14.30
N SER B 241 -0.87 3.75 -15.13
N SER B 241 -0.87 3.76 -15.13
CA SER B 241 -1.30 4.15 -16.47
CA SER B 241 -1.26 4.15 -16.48
C SER B 241 -1.82 2.97 -17.30
C SER B 241 -1.82 2.97 -17.28
N GLU B 242 -1.13 1.85 -17.24
CA GLU B 242 -1.55 0.64 -17.95
C GLU B 242 -2.79 -0.02 -17.31
N GLY B 243 -2.85 -0.02 -15.99
CA GLY B 243 -4.03 -0.54 -15.28
C GLY B 243 -5.30 0.25 -15.62
N LEU B 244 -5.15 1.57 -15.74
CA LEU B 244 -6.29 2.44 -16.07
C LEU B 244 -6.83 2.16 -17.48
N LEU B 245 -5.92 1.95 -18.42
CA LEU B 245 -6.30 1.61 -19.79
C LEU B 245 -7.01 0.26 -19.84
N TYR B 246 -6.44 -0.73 -19.15
CA TYR B 246 -7.02 -2.06 -19.11
C TYR B 246 -8.44 -2.01 -18.54
N GLU B 247 -8.62 -1.31 -17.43
CA GLU B 247 -9.92 -1.18 -16.79
C GLU B 247 -10.94 -0.55 -17.74
N ARG B 248 -10.54 0.51 -18.44
CA ARG B 248 -11.47 1.21 -19.32
C ARG B 248 -11.94 0.30 -20.46
N ARG B 249 -10.99 -0.43 -21.05
CA ARG B 249 -11.33 -1.35 -22.14
C ARG B 249 -12.25 -2.46 -21.65
N LEU B 250 -12.00 -2.95 -20.44
CA LEU B 250 -12.85 -3.96 -19.84
C LEU B 250 -14.24 -3.36 -19.63
N PHE B 251 -14.26 -2.13 -19.12
CA PHE B 251 -15.50 -1.39 -18.86
C PHE B 251 -16.36 -1.27 -20.11
N HIS B 252 -15.72 -0.90 -21.22
CA HIS B 252 -16.39 -0.81 -22.51
C HIS B 252 -16.99 -2.17 -22.92
N SER B 253 -16.25 -3.25 -22.67
CA SER B 253 -16.70 -4.60 -23.01
C SER B 253 -17.89 -5.08 -22.20
N ALA B 254 -18.03 -4.62 -20.96
CA ALA B 254 -19.18 -4.99 -20.13
C ALA B 254 -20.53 -4.57 -20.76
N PHE B 255 -20.49 -3.61 -21.69
CA PHE B 255 -21.69 -3.18 -22.42
C PHE B 255 -21.95 -3.98 -23.70
N ALA B 256 -21.11 -4.98 -23.94
CA ALA B 256 -21.39 -6.01 -24.94
C ALA B 256 -22.10 -7.22 -24.31
N THR B 257 -22.57 -7.09 -23.08
CA THR B 257 -23.19 -8.20 -22.35
C THR B 257 -24.67 -7.92 -22.05
N GLU B 258 -25.44 -9.00 -21.88
CA GLU B 258 -26.88 -8.90 -21.62
C GLU B 258 -27.19 -8.51 -20.17
N ASP B 259 -26.38 -9.00 -19.24
CA ASP B 259 -26.58 -8.74 -17.81
C ASP B 259 -26.57 -7.24 -17.44
N GLN B 260 -25.84 -6.42 -18.18
CA GLN B 260 -25.79 -4.98 -17.93
C GLN B 260 -27.17 -4.34 -18.09
N SER B 261 -27.84 -4.67 -19.19
CA SER B 261 -29.18 -4.20 -19.49
C SER B 261 -30.23 -4.67 -18.45
N GLU B 262 -30.13 -5.93 -18.03
CA GLU B 262 -30.97 -6.44 -16.95
C GLU B 262 -30.69 -5.73 -15.62
N GLY B 263 -29.40 -5.52 -15.34
CA GLY B 263 -28.99 -4.80 -14.14
C GLY B 263 -29.60 -3.42 -14.05
N MET B 264 -29.60 -2.70 -15.18
CA MET B 264 -30.14 -1.34 -15.22
C MET B 264 -31.69 -1.34 -15.15
N ALA B 265 -32.33 -2.31 -15.78
CA ALA B 265 -33.79 -2.47 -15.67
C ALA B 265 -34.23 -2.69 -14.22
N ALA B 266 -33.56 -3.62 -13.55
CA ALA B 266 -33.86 -3.95 -12.15
C ALA B 266 -33.74 -2.71 -11.25
N PHE B 267 -32.69 -1.92 -11.44
CA PHE B 267 -32.49 -0.71 -10.66
C PHE B 267 -33.62 0.31 -10.87
N ILE B 268 -33.99 0.54 -12.13
CA ILE B 268 -35.06 1.47 -12.47
C ILE B 268 -36.40 1.03 -11.86
N GLU B 269 -36.67 -0.27 -11.92
CA GLU B 269 -37.92 -0.84 -11.40
C GLU B 269 -37.87 -1.14 -9.90
N LYS B 270 -36.75 -0.79 -9.25
CA LYS B 270 -36.57 -0.98 -7.82
C LYS B 270 -36.85 -2.42 -7.40
N ARG B 271 -36.30 -3.35 -8.19
CA ARG B 271 -36.41 -4.78 -7.93
C ARG B 271 -35.03 -5.46 -7.96
N ALA B 272 -35.00 -6.72 -7.56
CA ALA B 272 -33.78 -7.52 -7.62
C ALA B 272 -33.52 -7.94 -9.08
N PRO B 273 -32.25 -7.88 -9.53
CA PRO B 273 -31.95 -8.35 -10.88
C PRO B 273 -31.96 -9.87 -10.97
N GLN B 274 -32.33 -10.39 -12.14
CA GLN B 274 -32.29 -11.82 -12.42
C GLN B 274 -31.31 -12.05 -13.55
N PHE B 275 -30.02 -12.07 -13.20
CA PHE B 275 -28.95 -12.24 -14.18
C PHE B 275 -28.91 -13.68 -14.72
N THR B 276 -28.50 -13.82 -15.97
CA THR B 276 -28.31 -15.12 -16.61
C THR B 276 -26.83 -15.55 -16.65
N HIS B 277 -25.94 -14.62 -16.26
CA HIS B 277 -24.50 -14.92 -16.04
C HIS B 277 -23.74 -15.19 -17.34
N THR C 23 36.66 5.47 14.82
CA THR C 23 36.45 6.84 15.37
C THR C 23 35.72 7.74 14.36
N TYR C 24 34.39 7.76 14.46
CA TYR C 24 33.58 8.63 13.63
C TYR C 24 33.31 9.93 14.38
N GLU C 25 32.98 10.98 13.64
CA GLU C 25 32.66 12.28 14.24
C GLU C 25 31.18 12.46 14.57
N THR C 26 30.30 11.97 13.70
CA THR C 26 28.87 12.29 13.81
C THR C 26 28.02 11.12 14.30
N ILE C 27 28.63 9.96 14.45
CA ILE C 27 27.93 8.77 14.93
C ILE C 27 28.74 8.01 15.99
N LEU C 28 28.04 7.15 16.73
CA LEU C 28 28.66 6.20 17.64
C LEU C 28 28.30 4.81 17.16
N VAL C 29 29.25 3.88 17.24
CA VAL C 29 29.00 2.51 16.83
C VAL C 29 29.36 1.55 17.96
N GLU C 30 28.44 0.63 18.27
N GLU C 30 28.44 0.63 18.25
CA GLU C 30 28.62 -0.36 19.32
CA GLU C 30 28.59 -0.36 19.32
C GLU C 30 28.26 -1.73 18.76
C GLU C 30 28.25 -1.74 18.75
N ARG C 31 28.92 -2.77 19.28
CA ARG C 31 28.65 -4.15 18.88
C ARG C 31 28.39 -4.94 20.14
N ASP C 32 27.31 -5.70 20.18
CA ASP C 32 27.10 -6.67 21.26
C ASP C 32 26.48 -7.93 20.71
N GLN C 33 27.16 -9.05 20.95
CA GLN C 33 26.78 -10.33 20.37
C GLN C 33 26.67 -10.15 18.85
N ARG C 34 25.54 -10.49 18.25
CA ARG C 34 25.37 -10.36 16.79
C ARG C 34 24.59 -9.11 16.39
N VAL C 35 24.55 -8.11 17.27
CA VAL C 35 23.83 -6.86 16.99
C VAL C 35 24.80 -5.69 16.93
N GLY C 36 24.76 -4.95 15.83
CA GLY C 36 25.46 -3.68 15.69
C GLY C 36 24.49 -2.54 15.85
N ILE C 37 24.93 -1.47 16.51
CA ILE C 37 24.09 -0.29 16.74
C ILE C 37 24.83 0.95 16.29
N ILE C 38 24.24 1.66 15.33
CA ILE C 38 24.73 2.94 14.87
C ILE C 38 23.83 4.00 15.50
N THR C 39 24.43 4.90 16.29
CA THR C 39 23.68 5.95 16.97
C THR C 39 24.10 7.29 16.40
N LEU C 40 23.14 8.01 15.82
CA LEU C 40 23.39 9.34 15.31
C LEU C 40 23.75 10.22 16.50
N ASN C 41 24.77 11.05 16.31
CA ASN C 41 25.37 11.78 17.42
C ASN C 41 25.77 13.21 17.04
N ARG C 42 24.77 14.01 16.67
CA ARG C 42 24.93 15.45 16.52
C ARG C 42 23.94 16.14 17.46
N PRO C 43 24.14 15.99 18.79
CA PRO C 43 23.17 16.52 19.74
C PRO C 43 22.98 18.03 19.64
N GLN C 44 24.01 18.76 19.21
CA GLN C 44 23.93 20.21 19.02
C GLN C 44 22.95 20.60 17.89
N ALA C 45 22.62 19.64 17.02
CA ALA C 45 21.75 19.90 15.89
C ALA C 45 20.55 18.93 15.81
N LEU C 46 20.17 18.36 16.95
CA LEU C 46 19.10 17.36 17.02
C LEU C 46 19.26 16.27 15.94
N ASN C 47 20.52 15.86 15.74
CA ASN C 47 20.87 14.80 14.78
C ASN C 47 20.49 15.12 13.34
N ALA C 48 20.47 16.40 12.99
CA ALA C 48 20.26 16.80 11.60
C ALA C 48 21.28 16.12 10.72
N LEU C 49 20.83 15.63 9.57
CA LEU C 49 21.70 14.95 8.63
C LEU C 49 22.53 15.93 7.81
N ASN C 50 23.80 15.60 7.61
CA ASN C 50 24.65 16.31 6.66
C ASN C 50 25.47 15.29 5.84
N SER C 51 26.34 15.77 4.97
CA SER C 51 27.14 14.88 4.11
C SER C 51 28.00 13.92 4.91
N GLN C 52 28.57 14.40 6.01
CA GLN C 52 29.42 13.58 6.85
C GLN C 52 28.62 12.45 7.52
N VAL C 53 27.42 12.74 8.01
CA VAL C 53 26.57 11.71 8.57
C VAL C 53 26.27 10.62 7.53
N MET C 54 25.94 11.05 6.31
CA MET C 54 25.68 10.11 5.20
C MET C 54 26.88 9.20 4.96
N ASN C 55 28.06 9.80 4.87
CA ASN C 55 29.27 9.01 4.62
C ASN C 55 29.61 8.07 5.77
N GLU C 56 29.46 8.55 7.01
CA GLU C 56 29.80 7.72 8.18
C GLU C 56 28.78 6.64 8.45
N VAL C 57 27.50 6.96 8.36
CA VAL C 57 26.46 5.94 8.56
C VAL C 57 26.60 4.83 7.52
N THR C 58 26.76 5.21 6.25
CA THR C 58 26.88 4.21 5.19
C THR C 58 28.17 3.39 5.33
N SER C 59 29.26 4.05 5.69
N SER C 59 29.27 4.04 5.70
CA SER C 59 30.54 3.37 5.90
CA SER C 59 30.54 3.35 5.90
C SER C 59 30.42 2.34 7.04
C SER C 59 30.43 2.34 7.05
N ALA C 60 29.86 2.78 8.16
CA ALA C 60 29.68 1.90 9.33
C ALA C 60 28.73 0.74 9.03
N ALA C 61 27.61 1.03 8.36
CA ALA C 61 26.63 -0.01 8.01
C ALA C 61 27.22 -1.05 7.06
N THR C 62 28.00 -0.58 6.09
CA THR C 62 28.68 -1.45 5.14
C THR C 62 29.70 -2.35 5.82
N GLU C 63 30.43 -1.79 6.79
CA GLU C 63 31.38 -2.57 7.58
C GLU C 63 30.71 -3.66 8.41
N LEU C 64 29.63 -3.28 9.10
CA LEU C 64 28.82 -4.24 9.86
C LEU C 64 28.21 -5.31 8.94
N ASP C 65 27.79 -4.91 7.75
CA ASP C 65 27.18 -5.84 6.79
C ASP C 65 28.15 -6.93 6.37
N ASP C 66 29.43 -6.58 6.27
CA ASP C 66 30.46 -7.54 5.87
C ASP C 66 31.05 -8.35 7.03
N ASP C 67 30.60 -8.08 8.25
CA ASP C 67 31.09 -8.79 9.44
C ASP C 67 30.21 -10.00 9.68
N PRO C 68 30.77 -11.23 9.57
CA PRO C 68 29.96 -12.44 9.75
C PRO C 68 29.43 -12.65 11.17
N ASP C 69 29.96 -11.92 12.15
CA ASP C 69 29.48 -12.01 13.52
C ASP C 69 28.39 -11.00 13.84
N ILE C 70 27.87 -10.32 12.82
CA ILE C 70 26.73 -9.42 12.97
C ILE C 70 25.54 -9.88 12.11
N GLY C 71 24.40 -10.03 12.75
CA GLY C 71 23.18 -10.51 12.09
C GLY C 71 22.05 -9.48 12.05
N ALA C 72 22.25 -8.33 12.67
CA ALA C 72 21.24 -7.25 12.66
C ALA C 72 21.89 -5.93 12.99
N ILE C 73 21.37 -4.87 12.38
CA ILE C 73 21.92 -3.52 12.56
C ILE C 73 20.81 -2.58 12.97
N ILE C 74 21.00 -1.90 14.10
CA ILE C 74 20.08 -0.87 14.55
C ILE C 74 20.64 0.51 14.19
N ILE C 75 19.77 1.39 13.71
CA ILE C 75 20.09 2.80 13.56
C ILE C 75 19.12 3.57 14.45
N THR C 76 19.66 4.47 15.27
CA THR C 76 18.84 5.22 16.20
C THR C 76 19.49 6.58 16.46
N GLY C 77 18.75 7.48 17.10
CA GLY C 77 19.26 8.78 17.50
C GLY C 77 19.13 8.94 18.99
N SER C 78 18.66 10.11 19.42
CA SER C 78 18.46 10.39 20.85
C SER C 78 16.98 10.28 21.21
N ALA C 79 16.66 10.41 22.51
CA ALA C 79 15.27 10.45 22.95
C ALA C 79 14.53 11.69 22.44
N LYS C 80 15.28 12.75 22.12
CA LYS C 80 14.70 13.98 21.56
C LYS C 80 14.50 13.91 20.05
N ALA C 81 15.39 13.22 19.35
CA ALA C 81 15.36 13.19 17.89
C ALA C 81 16.14 12.04 17.30
N PHE C 82 15.47 11.27 16.46
CA PHE C 82 16.10 10.33 15.55
C PHE C 82 16.98 11.16 14.62
N ALA C 83 16.35 12.06 13.86
CA ALA C 83 17.07 13.06 13.06
C ALA C 83 16.09 14.12 12.63
N ALA C 84 16.36 15.37 13.03
CA ALA C 84 15.46 16.50 12.76
C ALA C 84 15.97 17.27 11.56
N GLY C 85 15.62 16.79 10.37
CA GLY C 85 15.96 17.47 9.14
C GLY C 85 17.40 17.35 8.72
N ALA C 86 17.88 18.37 8.03
CA ALA C 86 19.18 18.36 7.38
C ALA C 86 19.92 19.66 7.62
N ASP C 87 21.23 19.62 7.38
CA ASP C 87 22.02 20.83 7.40
C ASP C 87 21.75 21.61 6.11
N ILE C 88 21.05 22.74 6.23
CA ILE C 88 20.62 23.52 5.08
C ILE C 88 21.75 24.35 4.45
N LYS C 89 22.70 24.80 5.26
CA LYS C 89 23.86 25.53 4.73
C LYS C 89 24.63 24.76 3.66
N GLU C 90 24.68 23.43 3.78
CA GLU C 90 25.33 22.60 2.76
C GLU C 90 24.62 22.59 1.41
N MET C 91 23.33 22.95 1.40
CA MET C 91 22.51 22.94 0.19
C MET C 91 22.15 24.33 -0.36
N ALA C 92 22.13 25.34 0.52
CA ALA C 92 21.57 26.64 0.18
C ALA C 92 22.13 27.24 -1.11
N ASP C 93 23.43 27.09 -1.34
CA ASP C 93 24.10 27.75 -2.47
C ASP C 93 24.32 26.84 -3.68
N LEU C 94 23.79 25.62 -3.66
CA LEU C 94 24.06 24.68 -4.74
C LEU C 94 23.31 25.09 -6.00
N THR C 95 23.99 24.94 -7.13
CA THR C 95 23.38 24.99 -8.46
C THR C 95 22.96 23.59 -8.86
N PHE C 96 22.16 23.49 -9.92
CA PHE C 96 21.85 22.18 -10.50
C PHE C 96 23.14 21.44 -10.88
N ALA C 97 24.05 22.11 -11.57
CA ALA C 97 25.33 21.50 -11.95
C ALA C 97 26.06 20.92 -10.73
N ASP C 98 26.13 21.69 -9.64
CA ASP C 98 26.73 21.22 -8.38
C ASP C 98 26.09 19.91 -7.92
N ALA C 99 24.75 19.91 -7.90
CA ALA C 99 24.00 18.78 -7.34
C ALA C 99 24.10 17.55 -8.23
N PHE C 100 23.98 17.78 -9.54
CA PHE C 100 24.09 16.72 -10.54
C PHE C 100 25.49 16.09 -10.54
N THR C 101 26.52 16.94 -10.51
CA THR C 101 27.90 16.46 -10.49
C THR C 101 28.21 15.65 -9.23
N ALA C 102 27.79 16.16 -8.08
CA ALA C 102 27.95 15.44 -6.82
C ALA C 102 27.08 14.20 -6.73
N ASP C 103 26.05 14.10 -7.60
CA ASP C 103 24.93 13.18 -7.43
C ASP C 103 24.45 13.26 -5.97
N PHE C 104 24.10 14.46 -5.56
CA PHE C 104 23.82 14.78 -4.14
C PHE C 104 22.82 13.79 -3.57
N PHE C 105 23.20 13.16 -2.45
CA PHE C 105 22.41 12.17 -1.71
C PHE C 105 22.48 10.74 -2.22
N ALA C 106 23.10 10.50 -3.37
CA ALA C 106 23.11 9.15 -3.96
C ALA C 106 23.77 8.11 -3.05
N THR C 107 24.79 8.53 -2.30
CA THR C 107 25.51 7.63 -1.38
C THR C 107 24.59 6.96 -0.34
N TRP C 108 23.48 7.58 0.01
CA TRP C 108 22.51 6.93 0.90
C TRP C 108 22.01 5.59 0.36
N GLY C 109 22.08 5.41 -0.96
CA GLY C 109 21.78 4.11 -1.57
C GLY C 109 22.58 2.94 -1.02
N LYS C 110 23.77 3.22 -0.48
CA LYS C 110 24.57 2.16 0.13
C LYS C 110 23.89 1.52 1.34
N LEU C 111 23.07 2.27 2.05
CA LEU C 111 22.33 1.73 3.20
C LEU C 111 21.22 0.77 2.74
N ALA C 112 20.51 1.15 1.67
CA ALA C 112 19.52 0.27 1.08
C ALA C 112 20.14 -1.02 0.57
N ALA C 113 21.41 -0.94 0.13
CA ALA C 113 22.12 -2.10 -0.41
C ALA C 113 22.66 -3.06 0.67
N VAL C 114 22.57 -2.67 1.94
CA VAL C 114 22.98 -3.55 3.04
C VAL C 114 22.11 -4.81 3.06
N ARG C 115 22.76 -5.97 3.12
CA ARG C 115 22.07 -7.26 3.02
C ARG C 115 21.52 -7.75 4.35
N THR C 116 22.25 -7.46 5.42
CA THR C 116 21.83 -7.74 6.79
C THR C 116 20.61 -6.90 7.15
N PRO C 117 19.65 -7.48 7.90
CA PRO C 117 18.48 -6.70 8.32
C PRO C 117 18.83 -5.45 9.12
N THR C 118 18.15 -4.34 8.82
CA THR C 118 18.33 -3.09 9.52
C THR C 118 17.03 -2.70 10.25
N ILE C 119 17.20 -2.13 11.45
CA ILE C 119 16.06 -1.70 12.29
C ILE C 119 16.23 -0.23 12.64
N ALA C 120 15.26 0.60 12.29
CA ALA C 120 15.27 1.99 12.75
C ALA C 120 14.51 2.06 14.08
N ALA C 121 15.15 2.60 15.11
CA ALA C 121 14.54 2.81 16.42
C ALA C 121 14.35 4.31 16.56
N VAL C 122 13.11 4.76 16.35
CA VAL C 122 12.83 6.17 16.18
C VAL C 122 12.14 6.75 17.41
N ALA C 123 12.81 7.70 18.05
CA ALA C 123 12.23 8.50 19.12
C ALA C 123 12.21 9.95 18.69
N GLY C 124 11.21 10.70 19.16
CA GLY C 124 11.12 12.11 18.88
C GLY C 124 11.07 12.43 17.40
N TYR C 125 11.77 13.48 16.99
CA TYR C 125 11.67 13.95 15.62
C TYR C 125 12.39 13.06 14.63
N ALA C 126 11.65 12.64 13.61
CA ALA C 126 12.21 12.05 12.39
C ALA C 126 11.59 12.86 11.26
N LEU C 127 12.26 13.93 10.87
CA LEU C 127 11.73 14.92 9.95
C LEU C 127 12.60 15.03 8.73
N GLY C 128 11.98 15.12 7.55
CA GLY C 128 12.70 15.32 6.29
C GLY C 128 13.61 14.13 6.03
N GLY C 129 14.89 14.41 5.80
CA GLY C 129 15.91 13.36 5.69
C GLY C 129 15.84 12.32 6.79
N GLY C 130 15.50 12.73 8.01
CA GLY C 130 15.37 11.80 9.13
C GLY C 130 14.27 10.77 8.97
N CYS C 131 13.12 11.23 8.48
CA CYS C 131 12.03 10.36 8.11
C CYS C 131 12.45 9.41 6.98
N GLU C 132 13.13 9.97 5.96
CA GLU C 132 13.59 9.18 4.82
C GLU C 132 14.60 8.11 5.26
N LEU C 133 15.51 8.49 6.17
CA LEU C 133 16.45 7.52 6.74
C LEU C 133 15.73 6.39 7.46
N ALA C 134 14.75 6.72 8.29
CA ALA C 134 13.95 5.70 8.99
C ALA C 134 13.28 4.76 7.98
N MET C 135 12.76 5.33 6.91
CA MET C 135 12.05 4.53 5.89
C MET C 135 12.98 3.63 5.07
N MET C 136 14.27 3.95 5.00
CA MET C 136 15.26 3.11 4.30
C MET C 136 15.51 1.80 5.02
N CYS C 137 15.27 1.78 6.33
CA CYS C 137 15.49 0.57 7.11
C CYS C 137 14.37 -0.43 6.87
N ASP C 138 14.59 -1.68 7.23
CA ASP C 138 13.61 -2.74 6.98
C ASP C 138 12.46 -2.70 7.98
N VAL C 139 12.83 -2.65 9.25
CA VAL C 139 11.91 -2.62 10.38
C VAL C 139 12.01 -1.25 11.03
N LEU C 140 10.88 -0.70 11.45
CA LEU C 140 10.83 0.61 12.10
C LEU C 140 10.04 0.48 13.39
N ILE C 141 10.74 0.59 14.50
CA ILE C 141 10.11 0.59 15.82
C ILE C 141 10.11 2.03 16.32
N ALA C 142 8.91 2.54 16.61
CA ALA C 142 8.73 3.95 17.00
C ALA C 142 8.34 4.07 18.47
N ALA C 143 8.97 5.03 19.16
CA ALA C 143 8.50 5.46 20.47
C ALA C 143 7.14 6.15 20.30
N ASP C 144 6.33 6.12 21.36
CA ASP C 144 5.06 6.83 21.32
C ASP C 144 5.28 8.34 21.15
N THR C 145 6.51 8.79 21.39
CA THR C 145 6.92 10.19 21.19
C THR C 145 7.32 10.55 19.76
N ALA C 146 7.38 9.56 18.87
CA ALA C 146 7.91 9.78 17.52
C ALA C 146 7.03 10.72 16.73
N LYS C 147 7.67 11.62 15.98
CA LYS C 147 6.95 12.56 15.13
C LYS C 147 7.59 12.57 13.74
N PHE C 148 6.80 12.18 12.74
CA PHE C 148 7.26 12.04 11.36
C PHE C 148 6.77 13.19 10.48
N GLY C 149 7.58 13.58 9.53
CA GLY C 149 7.17 14.61 8.58
C GLY C 149 8.15 14.72 7.43
N GLN C 150 7.67 15.33 6.34
CA GLN C 150 8.49 15.69 5.19
C GLN C 150 8.24 17.16 4.88
N PRO C 151 8.90 18.06 5.62
CA PRO C 151 8.56 19.48 5.51
C PRO C 151 9.39 20.34 4.55
N GLU C 152 10.26 19.76 3.74
N GLU C 152 10.22 19.65 3.74
CA GLU C 152 11.15 20.63 2.99
CA GLU C 152 11.07 20.23 2.70
C GLU C 152 10.48 21.33 1.77
C GLU C 152 10.43 21.35 1.90
N ILE C 153 9.17 21.10 1.53
CA ILE C 153 8.43 22.00 0.62
C ILE C 153 8.48 23.44 1.11
N LYS C 154 8.50 23.62 2.44
CA LYS C 154 8.60 24.95 3.06
C LYS C 154 9.93 25.65 2.79
N LEU C 155 10.95 24.88 2.40
CA LEU C 155 12.25 25.43 1.99
C LEU C 155 12.40 25.51 0.45
N GLY C 156 11.33 25.22 -0.27
CA GLY C 156 11.31 25.37 -1.72
C GLY C 156 11.85 24.18 -2.49
N VAL C 157 11.91 23.01 -1.85
CA VAL C 157 12.37 21.80 -2.52
C VAL C 157 11.44 20.63 -2.18
N LEU C 158 11.62 19.52 -2.87
CA LEU C 158 10.83 18.32 -2.61
C LEU C 158 11.74 17.37 -1.86
N PRO C 159 11.22 16.22 -1.43
CA PRO C 159 12.11 15.18 -0.88
C PRO C 159 13.21 14.77 -1.85
N GLY C 160 14.41 14.53 -1.32
CA GLY C 160 15.56 14.13 -2.13
C GLY C 160 16.23 12.85 -1.69
N MET C 161 15.70 12.23 -0.64
CA MET C 161 16.24 10.97 -0.13
C MET C 161 15.22 9.84 -0.16
N GLY C 162 14.26 9.94 -1.07
CA GLY C 162 13.34 8.84 -1.37
C GLY C 162 11.98 8.92 -0.71
N GLY C 163 11.71 10.02 0.00
CA GLY C 163 10.45 10.19 0.73
C GLY C 163 9.22 10.14 -0.15
N SER C 164 9.28 10.75 -1.33
CA SER C 164 8.15 10.72 -2.25
C SER C 164 7.82 9.31 -2.71
N GLN C 165 8.80 8.42 -2.64
CA GLN C 165 8.65 7.04 -3.08
C GLN C 165 8.27 6.10 -1.96
N ARG C 166 9.00 6.17 -0.85
CA ARG C 166 8.78 5.24 0.27
C ARG C 166 7.59 5.62 1.13
N LEU C 167 7.38 6.92 1.36
CA LEU C 167 6.23 7.38 2.16
C LEU C 167 4.94 6.98 1.46
N THR C 168 4.87 7.28 0.16
CA THR C 168 3.68 6.99 -0.64
C THR C 168 3.35 5.50 -0.68
N ARG C 169 4.37 4.68 -0.82
CA ARG C 169 4.19 3.24 -0.82
C ARG C 169 3.74 2.72 0.54
N ALA C 170 4.18 3.37 1.62
CA ALA C 170 3.83 2.92 2.98
C ALA C 170 2.41 3.32 3.37
N ILE C 171 2.07 4.60 3.16
CA ILE C 171 0.83 5.16 3.74
C ILE C 171 -0.27 5.50 2.72
N GLY C 172 0.05 5.40 1.44
CA GLY C 172 -0.91 5.68 0.37
C GLY C 172 -0.81 7.10 -0.13
N LYS C 173 -1.41 7.35 -1.29
CA LYS C 173 -1.29 8.65 -1.97
C LYS C 173 -1.88 9.81 -1.15
N ALA C 174 -3.10 9.64 -0.65
CA ALA C 174 -3.79 10.75 0.01
C ALA C 174 -3.02 11.31 1.20
N LYS C 175 -2.51 10.43 2.06
CA LYS C 175 -1.73 10.89 3.21
C LYS C 175 -0.34 11.36 2.81
N ALA C 176 0.31 10.69 1.86
CA ALA C 176 1.64 11.12 1.43
C ALA C 176 1.59 12.51 0.83
N MET C 177 0.59 12.75 -0.03
CA MET C 177 0.41 14.07 -0.65
C MET C 177 0.14 15.13 0.40
N ASP C 178 -0.68 14.79 1.40
CA ASP C 178 -1.00 15.69 2.49
C ASP C 178 0.30 16.08 3.20
N LEU C 179 1.06 15.08 3.67
CA LEU C 179 2.31 15.37 4.38
C LEU C 179 3.30 16.19 3.55
N ILE C 180 3.51 15.78 2.30
CA ILE C 180 4.56 16.36 1.46
C ILE C 180 4.20 17.75 0.96
N LEU C 181 2.92 18.01 0.68
CA LEU C 181 2.50 19.32 0.19
C LEU C 181 2.22 20.35 1.29
N THR C 182 1.86 19.90 2.50
CA THR C 182 1.61 20.81 3.62
C THR C 182 2.74 20.88 4.65
N GLY C 183 3.57 19.85 4.72
CA GLY C 183 4.64 19.78 5.70
C GLY C 183 4.18 19.41 7.11
N ARG C 184 2.94 18.94 7.24
CA ARG C 184 2.39 18.65 8.56
C ARG C 184 3.06 17.42 9.14
N THR C 185 3.09 17.33 10.46
N THR C 185 3.03 17.32 10.46
CA THR C 185 3.69 16.18 11.12
CA THR C 185 3.65 16.23 11.18
C THR C 185 2.64 15.11 11.30
C THR C 185 2.63 15.12 11.39
N MET C 186 3.12 13.88 11.47
CA MET C 186 2.26 12.73 11.73
C MET C 186 2.79 12.10 13.02
N ASP C 187 1.91 11.88 14.00
CA ASP C 187 2.31 11.27 15.27
C ASP C 187 2.40 9.76 15.13
N ALA C 188 2.95 9.10 16.16
CA ALA C 188 3.23 7.67 16.11
C ALA C 188 1.97 6.81 15.88
N ALA C 189 0.87 7.19 16.53
CA ALA C 189 -0.39 6.46 16.36
C ALA C 189 -0.86 6.46 14.91
N GLU C 190 -0.85 7.64 14.29
CA GLU C 190 -1.27 7.74 12.89
C GLU C 190 -0.30 6.98 11.98
N ALA C 191 1.01 7.08 12.27
CA ALA C 191 2.03 6.39 11.49
C ALA C 191 1.83 4.89 11.54
N GLU C 192 1.51 4.36 12.71
CA GLU C 192 1.31 2.92 12.87
C GLU C 192 0.05 2.42 12.17
N ARG C 193 -1.05 3.16 12.24
CA ARG C 193 -2.26 2.68 11.56
C ARG C 193 -2.24 2.98 10.05
N SER C 194 -1.26 3.77 9.60
CA SER C 194 -1.17 4.14 8.19
C SER C 194 -0.18 3.31 7.38
N GLY C 195 0.70 2.56 8.03
CA GLY C 195 1.63 1.66 7.33
C GLY C 195 3.11 1.99 7.45
N LEU C 196 3.43 3.09 8.12
CA LEU C 196 4.81 3.56 8.17
C LEU C 196 5.69 2.83 9.21
N VAL C 197 5.10 2.39 10.31
N VAL C 197 5.06 2.35 10.28
CA VAL C 197 5.91 1.81 11.37
CA VAL C 197 5.75 1.84 11.47
C VAL C 197 5.48 0.38 11.71
C VAL C 197 5.44 0.37 11.73
N SER C 198 6.45 -0.40 12.15
CA SER C 198 6.25 -1.81 12.49
C SER C 198 5.50 -1.94 13.81
N ARG C 199 5.99 -1.24 14.83
CA ARG C 199 5.44 -1.29 16.18
C ARG C 199 5.64 0.05 16.86
N VAL C 200 4.71 0.42 17.75
CA VAL C 200 4.91 1.54 18.65
C VAL C 200 5.08 1.03 20.07
N VAL C 201 6.08 1.56 20.77
CA VAL C 201 6.35 1.21 22.15
C VAL C 201 6.50 2.48 23.01
N PRO C 202 6.32 2.34 24.33
CA PRO C 202 6.58 3.50 25.19
C PRO C 202 8.00 4.02 25.02
N ALA C 203 8.16 5.34 25.07
CA ALA C 203 9.46 5.98 24.84
C ALA C 203 10.59 5.43 25.70
N ASP C 204 10.30 5.16 26.98
CA ASP C 204 11.33 4.61 27.89
C ASP C 204 11.79 3.21 27.49
N ASP C 205 10.97 2.50 26.73
CA ASP C 205 11.26 1.11 26.35
C ASP C 205 11.82 0.95 24.93
N LEU C 206 11.96 2.06 24.21
CA LEU C 206 12.33 2.01 22.79
C LEU C 206 13.62 1.23 22.54
N LEU C 207 14.70 1.63 23.20
CA LEU C 207 15.99 0.99 22.96
C LEU C 207 16.01 -0.46 23.42
N THR C 208 15.32 -0.76 24.52
N THR C 208 15.32 -0.78 24.51
CA THR C 208 15.16 -2.13 25.00
CA THR C 208 15.23 -2.17 24.97
C THR C 208 14.42 -2.99 24.00
C THR C 208 14.39 -3.02 24.02
N GLU C 209 13.30 -2.45 23.49
CA GLU C 209 12.48 -3.17 22.51
C GLU C 209 13.22 -3.37 21.19
N ALA C 210 13.91 -2.32 20.72
CA ALA C 210 14.69 -2.41 19.49
C ALA C 210 15.79 -3.45 19.59
N ARG C 211 16.50 -3.47 20.73
CA ARG C 211 17.57 -4.45 20.95
C ARG C 211 17.02 -5.87 21.06
N ALA C 212 15.84 -6.03 21.66
CA ALA C 212 15.19 -7.33 21.75
C ALA C 212 14.81 -7.85 20.36
N THR C 213 14.25 -6.97 19.53
CA THR C 213 13.90 -7.32 18.15
C THR C 213 15.14 -7.64 17.34
N ALA C 214 16.19 -6.82 17.46
CA ALA C 214 17.45 -7.05 16.75
C ALA C 214 18.11 -8.35 17.18
N THR C 215 18.07 -8.64 18.48
CA THR C 215 18.60 -9.89 18.98
C THR C 215 17.87 -11.09 18.37
N THR C 216 16.53 -11.03 18.37
CA THR C 216 15.71 -12.07 17.75
C THR C 216 16.09 -12.30 16.30
N ILE C 217 16.20 -11.21 15.54
CA ILE C 217 16.56 -11.32 14.13
C ILE C 217 18.00 -11.84 13.94
N SER C 218 18.92 -11.36 14.78
CA SER C 218 20.34 -11.76 14.67
C SER C 218 20.58 -13.22 15.05
N GLN C 219 19.62 -13.85 15.72
CA GLN C 219 19.75 -15.24 16.14
C GLN C 219 19.13 -16.19 15.12
N MET C 220 18.41 -15.64 14.13
CA MET C 220 17.96 -16.41 12.98
C MET C 220 19.15 -16.76 12.11
N SER C 221 18.97 -17.77 11.25
CA SER C 221 19.92 -18.04 10.19
C SER C 221 20.22 -16.77 9.43
N ALA C 222 21.49 -16.43 9.28
CA ALA C 222 21.87 -15.21 8.55
C ALA C 222 21.49 -15.33 7.08
N SER C 223 21.61 -16.53 6.52
N SER C 223 21.61 -16.53 6.52
CA SER C 223 21.24 -16.81 5.12
CA SER C 223 21.25 -16.77 5.12
C SER C 223 19.74 -16.64 4.93
C SER C 223 19.73 -16.64 4.92
N ALA C 224 18.96 -17.28 5.79
CA ALA C 224 17.50 -17.19 5.72
C ALA C 224 17.02 -15.74 5.88
N ALA C 225 17.58 -15.01 6.84
CA ALA C 225 17.16 -13.63 7.07
C ALA C 225 17.52 -12.73 5.88
N ARG C 226 18.71 -12.95 5.30
CA ARG C 226 19.11 -12.19 4.11
C ARG C 226 18.17 -12.45 2.92
N MET C 227 17.84 -13.71 2.72
CA MET C 227 16.93 -14.09 1.65
C MET C 227 15.53 -13.53 1.87
N ALA C 228 15.03 -13.59 3.11
CA ALA C 228 13.69 -13.10 3.41
C ALA C 228 13.60 -11.61 3.14
N LYS C 229 14.60 -10.87 3.60
CA LYS C 229 14.67 -9.42 3.37
C LYS C 229 14.71 -9.09 1.87
N GLU C 230 15.56 -9.81 1.15
CA GLU C 230 15.72 -9.60 -0.29
C GLU C 230 14.39 -9.85 -1.01
N ALA C 231 13.70 -10.91 -0.61
CA ALA C 231 12.40 -11.26 -1.20
C ALA C 231 11.35 -10.17 -0.94
N VAL C 232 11.27 -9.67 0.29
CA VAL C 232 10.34 -8.59 0.63
C VAL C 232 10.63 -7.35 -0.21
N ASN C 233 11.90 -7.02 -0.36
CA ASN C 233 12.29 -5.86 -1.16
C ASN C 233 11.87 -5.96 -2.64
N ARG C 234 11.75 -7.16 -3.18
CA ARG C 234 11.30 -7.34 -4.57
C ARG C 234 9.87 -6.88 -4.77
N ALA C 235 9.08 -6.87 -3.69
CA ALA C 235 7.67 -6.46 -3.78
C ALA C 235 7.47 -5.04 -4.31
N PHE C 236 8.53 -4.22 -4.31
CA PHE C 236 8.47 -2.85 -4.80
C PHE C 236 9.16 -2.64 -6.15
N GLU C 237 9.64 -3.71 -6.76
CA GLU C 237 10.52 -3.58 -7.95
C GLU C 237 10.00 -4.20 -9.23
N SER C 238 8.91 -4.96 -9.14
CA SER C 238 8.38 -5.62 -10.31
C SER C 238 6.90 -5.99 -10.12
N SER C 239 6.32 -6.57 -11.17
CA SER C 239 4.96 -7.07 -11.08
C SER C 239 4.88 -8.17 -10.02
N LEU C 240 3.69 -8.36 -9.46
CA LEU C 240 3.47 -9.45 -8.52
C LEU C 240 3.90 -10.80 -9.12
N SER C 241 3.57 -11.02 -10.38
N SER C 241 3.56 -11.02 -10.39
CA SER C 241 3.89 -12.28 -11.05
CA SER C 241 3.89 -12.27 -11.08
C SER C 241 5.39 -12.58 -11.01
C SER C 241 5.39 -12.57 -11.00
N GLU C 242 6.19 -11.55 -11.29
CA GLU C 242 7.65 -11.69 -11.25
C GLU C 242 8.19 -11.82 -9.83
N GLY C 243 7.63 -11.08 -8.88
CA GLY C 243 8.00 -11.21 -7.46
C GLY C 243 7.76 -12.61 -6.92
N LEU C 244 6.62 -13.20 -7.29
CA LEU C 244 6.28 -14.55 -6.88
C LEU C 244 7.26 -15.58 -7.40
N LEU C 245 7.66 -15.44 -8.67
CA LEU C 245 8.67 -16.34 -9.25
C LEU C 245 10.02 -16.19 -8.54
N TYR C 246 10.43 -14.95 -8.31
CA TYR C 246 11.69 -14.66 -7.62
C TYR C 246 11.72 -15.30 -6.23
N GLU C 247 10.65 -15.07 -5.46
CA GLU C 247 10.56 -15.64 -4.12
C GLU C 247 10.64 -17.17 -4.17
N ARG C 248 9.89 -17.77 -5.08
CA ARG C 248 9.84 -19.22 -5.13
C ARG C 248 11.22 -19.79 -5.46
N ARG C 249 11.93 -19.16 -6.38
CA ARG C 249 13.25 -19.63 -6.75
C ARG C 249 14.26 -19.44 -5.62
N LEU C 250 14.15 -18.33 -4.89
CA LEU C 250 15.03 -18.09 -3.75
C LEU C 250 14.73 -19.12 -2.65
N PHE C 251 13.45 -19.41 -2.46
CA PHE C 251 12.99 -20.46 -1.56
C PHE C 251 13.61 -21.81 -1.96
N HIS C 252 13.56 -22.15 -3.25
CA HIS C 252 14.21 -23.39 -3.69
C HIS C 252 15.69 -23.44 -3.36
N SER C 253 16.39 -22.32 -3.59
N SER C 253 16.40 -22.32 -3.55
CA SER C 253 17.81 -22.20 -3.25
CA SER C 253 17.83 -22.27 -3.26
C SER C 253 18.08 -22.47 -1.78
C SER C 253 18.15 -22.37 -1.76
N ALA C 254 17.18 -22.02 -0.91
CA ALA C 254 17.33 -22.22 0.53
C ALA C 254 17.57 -23.69 0.88
N PHE C 255 17.06 -24.59 0.06
CA PHE C 255 17.24 -26.03 0.28
C PHE C 255 18.65 -26.55 0.01
N ALA C 256 19.51 -25.69 -0.53
CA ALA C 256 20.95 -25.95 -0.62
C ALA C 256 21.74 -25.49 0.62
N THR C 257 21.06 -24.90 1.61
CA THR C 257 21.77 -24.34 2.78
C THR C 257 21.75 -25.31 3.96
N GLU C 258 22.83 -25.28 4.73
CA GLU C 258 22.90 -26.07 5.96
C GLU C 258 21.83 -25.65 6.97
N ASP C 259 21.53 -24.36 7.03
CA ASP C 259 20.54 -23.84 7.99
C ASP C 259 19.12 -24.29 7.69
N GLN C 260 18.79 -24.53 6.42
CA GLN C 260 17.47 -25.08 6.09
C GLN C 260 17.35 -26.49 6.65
N SER C 261 18.41 -27.29 6.47
CA SER C 261 18.42 -28.66 6.98
C SER C 261 18.33 -28.70 8.51
N GLU C 262 19.17 -27.90 9.16
CA GLU C 262 19.23 -27.83 10.63
C GLU C 262 17.96 -27.24 11.23
N GLY C 263 17.46 -26.16 10.63
CA GLY C 263 16.22 -25.53 11.10
C GLY C 263 15.05 -26.49 11.12
N MET C 264 14.87 -27.22 10.03
CA MET C 264 13.74 -28.14 9.92
C MET C 264 13.96 -29.40 10.76
N ALA C 265 15.19 -29.89 10.80
CA ALA C 265 15.56 -31.03 11.66
C ALA C 265 15.33 -30.71 13.13
N ALA C 266 15.73 -29.52 13.56
CA ALA C 266 15.55 -29.07 14.94
C ALA C 266 14.07 -28.99 15.31
N PHE C 267 13.25 -28.49 14.40
CA PHE C 267 11.80 -28.43 14.60
C PHE C 267 11.19 -29.82 14.74
N ILE C 268 11.56 -30.72 13.83
CA ILE C 268 11.05 -32.10 13.86
C ILE C 268 11.49 -32.84 15.12
N GLU C 269 12.72 -32.58 15.55
CA GLU C 269 13.33 -33.27 16.69
C GLU C 269 13.07 -32.57 18.03
N LYS C 270 12.27 -31.50 18.02
CA LYS C 270 11.87 -30.79 19.23
C LYS C 270 13.09 -30.31 20.00
N ARG C 271 14.02 -29.67 19.30
CA ARG C 271 15.21 -29.10 19.93
C ARG C 271 15.53 -27.73 19.34
N ALA C 272 16.45 -27.02 19.99
CA ALA C 272 16.88 -25.71 19.53
C ALA C 272 17.80 -25.84 18.32
N PRO C 273 17.55 -25.05 17.26
CA PRO C 273 18.46 -25.10 16.13
C PRO C 273 19.84 -24.49 16.45
N GLN C 274 20.87 -25.08 15.87
CA GLN C 274 22.23 -24.57 15.96
C GLN C 274 22.63 -24.09 14.55
N PHE C 275 22.31 -22.82 14.25
CA PHE C 275 22.60 -22.27 12.93
C PHE C 275 24.07 -21.94 12.77
N THR C 276 24.57 -22.15 11.56
CA THR C 276 25.98 -21.86 11.24
C THR C 276 26.09 -20.70 10.25
N HIS C 277 24.94 -20.24 9.73
CA HIS C 277 24.88 -19.10 8.80
C HIS C 277 25.45 -19.46 7.41
N ARG C 278 25.03 -20.63 6.93
CA ARG C 278 25.37 -21.14 5.59
C ARG C 278 24.40 -22.27 5.24
C1 GOL D . -18.04 4.89 -13.52
O1 GOL D . -16.70 4.50 -13.31
C2 GOL D . -18.82 3.68 -14.05
O2 GOL D . -18.83 2.65 -13.07
C3 GOL D . -20.25 4.08 -14.36
O3 GOL D . -20.92 4.54 -13.22
CA CA E . 20.41 27.06 -6.34
C1 GOL F . 7.56 -21.73 3.67
O1 GOL F . 8.27 -20.83 4.49
C2 GOL F . 6.08 -21.32 3.65
O2 GOL F . 5.90 -20.24 2.77
C3 GOL F . 5.20 -22.47 3.17
O3 GOL F . 5.37 -23.58 4.02
C1 GOL G . 16.66 15.69 2.68
O1 GOL G . 17.23 16.85 3.23
C2 GOL G . 15.31 16.10 2.13
O2 GOL G . 14.73 15.00 1.45
C3 GOL G . 15.52 17.31 1.22
O3 GOL G . 14.35 17.58 0.51
C1 GOL H . 18.18 7.74 -2.09
O1 GOL H . 19.17 8.56 -1.52
C2 GOL H . 18.03 6.46 -1.28
O2 GOL H . 16.79 6.48 -0.62
C3 GOL H . 18.11 5.25 -2.21
O3 GOL H . 17.88 4.05 -1.50
CA CA I . -3.96 1.29 7.51
CA CA J . 18.49 -29.32 1.98
#